data_6FW9
#
_entry.id   6FW9
#
_cell.length_a   151.478
_cell.length_b   174.322
_cell.length_c   93.821
_cell.angle_alpha   90.00
_cell.angle_beta   90.00
_cell.angle_gamma   90.00
#
_symmetry.space_group_name_H-M   'C 2 2 21'
#
loop_
_entity.id
_entity.type
_entity.pdbx_description
1 polymer 'Flavin-dependent L-tryptophan oxidase VioA'
2 non-polymer 'FLAVIN-ADENINE DINUCLEOTIDE'
3 non-polymer 6-FLUORO-L-TRYPTOPHAN
4 non-polymer 'MAGNESIUM ION'
5 water water
#
_entity_poly.entity_id   1
_entity_poly.type   'polypeptide(L)'
_entity_poly.pdbx_seq_one_letter_code
;KHSSDICIVGAGISGLTCASHLLDSPACRGLSLRIFDMQQEAGGRIRSKMLDGKASIELGAGRYSPQLHPHFQSAMQHYS
QKSEVYPFTQLKFKSHVQQKLKRAMNELSPRLKEHGKESFLQFVSRYQGHDSAVGMIRSMGYDALFLPDISAEMAYDIVG
KHPEIQSVTDNDANQWFAAETGFAGLIQGIKAKVKAAGARFSLGYRLLSVRTDGDGYLLQLAGDDGWKLEHRTRHLILAI
PPSAMAGLNVDFPEAWSGARYGSLPLFKGFLTYGEPWWLDYKLDDQVLIVDNPLRKIYFKGDKYLFFYTDSEMANYWRGC
VAEGEDGYLEQIRTHLASALGIVRERIPQPLAHVHKYWAHGVEFCRDSDIDHPSALSHRDSGIIACSDAYTEHCGWMEGG
LLSAREASRLLLQRIAA
;
_entity_poly.pdbx_strand_id   B,A
#
# COMPACT_ATOMS: atom_id res chain seq x y z
N LYS A 1 -18.44 -8.33 11.41
CA LYS A 1 -17.54 -8.37 12.54
C LYS A 1 -18.26 -8.25 13.87
N HIS A 2 -17.95 -7.17 14.57
CA HIS A 2 -18.60 -6.83 15.84
C HIS A 2 -18.64 -5.31 15.94
N SER A 3 -18.72 -4.79 17.16
CA SER A 3 -19.10 -3.39 17.34
C SER A 3 -18.20 -2.74 18.38
N SER A 4 -18.53 -1.49 18.73
CA SER A 4 -17.80 -0.68 19.70
C SER A 4 -18.73 0.42 20.20
N ASP A 5 -18.47 0.90 21.41
CA ASP A 5 -19.16 2.09 21.90
C ASP A 5 -18.69 3.35 21.16
N ILE A 6 -17.38 3.57 21.13
CA ILE A 6 -16.78 4.72 20.46
C ILE A 6 -15.91 4.22 19.31
N CYS A 7 -16.03 4.86 18.16
CA CYS A 7 -15.19 4.54 17.03
C CYS A 7 -14.50 5.80 16.52
N ILE A 8 -13.20 5.71 16.36
CA ILE A 8 -12.42 6.79 15.76
C ILE A 8 -11.84 6.31 14.44
N VAL A 9 -12.13 7.03 13.38
CA VAL A 9 -11.52 6.78 12.08
C VAL A 9 -10.44 7.85 11.89
N GLY A 10 -9.19 7.43 12.06
CA GLY A 10 -8.04 8.26 11.81
C GLY A 10 -7.02 8.06 12.89
N ALA A 11 -5.76 7.84 12.53
CA ALA A 11 -4.74 7.64 13.54
C ALA A 11 -3.56 8.57 13.35
N GLY A 12 -3.82 9.78 12.87
CA GLY A 12 -2.88 10.86 13.00
C GLY A 12 -2.91 11.44 14.41
N ILE A 13 -2.25 12.57 14.56
CA ILE A 13 -2.12 13.14 15.89
C ILE A 13 -3.47 13.62 16.39
N SER A 14 -4.37 14.00 15.49
CA SER A 14 -5.73 14.33 15.88
C SER A 14 -6.44 13.12 16.47
N GLY A 15 -6.64 12.07 15.67
CA GLY A 15 -7.38 10.92 16.15
C GLY A 15 -6.74 10.26 17.36
N LEU A 16 -5.42 10.12 17.36
CA LEU A 16 -4.77 9.53 18.51
C LEU A 16 -4.92 10.39 19.75
N THR A 17 -4.94 11.71 19.59
CA THR A 17 -5.14 12.55 20.76
C THR A 17 -6.61 12.54 21.20
N CYS A 18 -7.56 12.49 20.26
CA CYS A 18 -8.95 12.28 20.68
C CYS A 18 -9.05 11.05 21.57
N ALA A 19 -8.54 9.92 21.07
CA ALA A 19 -8.56 8.69 21.84
C ALA A 19 -8.00 8.91 23.24
N SER A 20 -6.91 9.67 23.34
CA SER A 20 -6.31 9.99 24.64
C SER A 20 -7.29 10.76 25.53
N HIS A 21 -7.81 11.87 25.03
CA HIS A 21 -8.68 12.67 25.89
C HIS A 21 -9.92 11.89 26.33
N LEU A 22 -10.36 10.93 25.51
CA LEU A 22 -11.55 10.16 25.88
C LEU A 22 -11.23 9.11 26.92
N LEU A 23 -10.19 8.31 26.70
CA LEU A 23 -9.87 7.29 27.69
C LEU A 23 -9.38 7.90 29.00
N ASP A 24 -8.93 9.15 28.98
CA ASP A 24 -8.64 9.86 30.22
C ASP A 24 -9.90 10.03 31.06
N SER A 25 -11.05 10.15 30.39
CA SER A 25 -12.27 10.59 31.04
C SER A 25 -12.90 9.47 31.86
N PRO A 26 -13.54 9.81 32.99
CA PRO A 26 -14.21 8.78 33.79
C PRO A 26 -15.54 8.37 33.16
N ALA A 27 -16.14 9.29 32.40
CA ALA A 27 -17.37 9.01 31.66
C ALA A 27 -17.23 7.85 30.67
N CYS A 28 -16.01 7.51 30.25
CA CYS A 28 -15.77 6.43 29.29
C CYS A 28 -15.39 5.13 29.94
N ARG A 29 -15.36 5.09 31.28
CA ARG A 29 -15.04 3.85 32.00
C ARG A 29 -15.91 2.71 31.48
N GLY A 30 -15.28 1.57 31.23
CA GLY A 30 -15.96 0.41 30.68
C GLY A 30 -16.18 0.43 29.18
N LEU A 31 -16.43 1.61 28.61
CA LEU A 31 -16.73 1.75 27.18
C LEU A 31 -15.58 1.25 26.32
N SER A 32 -15.96 0.57 25.22
CA SER A 32 -14.99 0.04 24.26
CA SER A 32 -15.00 0.03 24.26
C SER A 32 -14.73 1.06 23.17
N LEU A 33 -13.49 1.07 22.68
CA LEU A 33 -13.08 2.05 21.70
C LEU A 33 -12.26 1.37 20.62
N ARG A 34 -12.67 1.57 19.37
CA ARG A 34 -12.04 1.03 18.17
C ARG A 34 -11.49 2.17 17.31
N ILE A 35 -10.22 2.06 16.90
CA ILE A 35 -9.60 3.01 15.97
C ILE A 35 -9.33 2.33 14.62
N PHE A 36 -9.62 3.06 13.55
CA PHE A 36 -9.39 2.61 12.18
C PHE A 36 -8.46 3.57 11.46
N ASP A 37 -7.50 3.02 10.70
CA ASP A 37 -6.68 3.82 9.81
C ASP A 37 -6.37 3.04 8.53
N MET A 38 -6.39 3.74 7.39
CA MET A 38 -6.20 3.06 6.13
C MET A 38 -4.74 2.66 5.94
N GLN A 39 -3.80 3.50 6.40
CA GLN A 39 -2.38 3.14 6.40
C GLN A 39 -2.08 2.03 7.41
N GLN A 40 -0.92 1.40 7.24
CA GLN A 40 -0.56 0.29 8.13
C GLN A 40 -0.01 0.79 9.45
N GLU A 41 0.61 1.97 9.46
CA GLU A 41 1.20 2.58 10.64
C GLU A 41 0.48 3.88 11.00
N ALA A 42 0.52 4.20 12.29
CA ALA A 42 -0.10 5.45 12.74
C ALA A 42 0.80 6.64 12.45
N GLY A 43 0.18 7.76 12.10
CA GLY A 43 0.91 9.00 12.00
C GLY A 43 0.26 9.99 11.05
N GLY A 44 -0.37 9.48 10.01
CA GLY A 44 -0.85 10.38 8.97
C GLY A 44 0.34 11.08 8.36
N ARG A 45 0.28 12.42 8.32
CA ARG A 45 1.36 13.20 7.73
C ARG A 45 2.52 13.43 8.67
N ILE A 46 2.64 12.63 9.70
CA ILE A 46 3.89 12.48 10.43
C ILE A 46 4.50 11.15 10.00
N ARG A 47 5.63 11.21 9.32
CA ARG A 47 6.35 10.00 8.91
C ARG A 47 7.84 10.26 9.09
N SER A 48 8.49 9.41 9.87
CA SER A 48 9.93 9.47 10.07
C SER A 48 10.51 8.16 9.54
N LYS A 49 11.44 8.27 8.60
CA LYS A 49 12.27 7.16 8.18
C LYS A 49 13.63 7.27 8.86
N MET A 50 14.38 6.17 8.84
CA MET A 50 15.76 6.17 9.31
C MET A 50 16.52 5.53 8.13
N LEU A 51 16.97 6.38 7.20
CA LEU A 51 17.48 5.94 5.90
C LEU A 51 19.00 5.81 5.92
N ASP A 52 19.50 4.81 5.17
CA ASP A 52 20.92 4.47 5.12
C ASP A 52 21.46 4.17 6.53
N GLY A 53 20.60 3.60 7.37
CA GLY A 53 20.94 3.14 8.71
C GLY A 53 21.72 4.10 9.58
N LYS A 54 21.76 5.39 9.24
CA LYS A 54 22.66 6.33 9.90
C LYS A 54 22.02 7.65 10.34
N ALA A 55 20.74 7.89 10.06
CA ALA A 55 20.11 9.16 10.41
C ALA A 55 18.60 9.06 10.28
N SER A 56 17.89 9.80 11.14
CA SER A 56 16.43 9.83 11.15
C SER A 56 15.94 11.07 10.40
N ILE A 57 15.19 10.86 9.31
CA ILE A 57 14.66 11.95 8.50
C ILE A 57 13.13 12.00 8.62
N GLU A 58 12.56 13.15 8.26
CA GLU A 58 11.14 13.44 8.43
C GLU A 58 10.55 13.71 7.04
N LEU A 59 9.65 12.83 6.59
CA LEU A 59 9.02 13.00 5.28
C LEU A 59 7.73 13.81 5.33
N GLY A 60 7.22 14.10 6.53
CA GLY A 60 6.16 15.06 6.71
C GLY A 60 6.63 16.13 7.67
N ALA A 61 5.87 16.33 8.75
CA ALA A 61 6.12 17.37 9.74
C ALA A 61 7.53 17.31 10.28
N GLY A 62 8.18 18.47 10.41
CA GLY A 62 9.58 18.48 10.78
C GLY A 62 10.04 19.47 11.82
N ARG A 63 9.18 20.39 12.23
CA ARG A 63 9.64 21.42 13.16
C ARG A 63 8.46 22.01 13.90
N TYR A 64 8.70 22.39 15.14
CA TYR A 64 7.68 23.10 15.91
C TYR A 64 8.35 24.25 16.63
N SER A 65 7.54 25.25 16.98
CA SER A 65 7.99 26.40 17.75
C SER A 65 7.30 26.43 19.11
N PRO A 66 8.03 26.47 20.22
CA PRO A 66 7.37 26.62 21.53
C PRO A 66 6.54 27.88 21.64
N GLN A 67 6.93 28.95 20.95
CA GLN A 67 6.17 30.19 21.01
C GLN A 67 4.85 30.04 20.25
N LEU A 68 4.93 29.69 18.97
CA LEU A 68 3.69 29.58 18.20
C LEU A 68 2.86 28.37 18.59
N HIS A 69 3.48 27.30 19.11
CA HIS A 69 2.82 26.01 19.28
C HIS A 69 3.01 25.48 20.70
N PRO A 70 2.28 26.03 21.66
CA PRO A 70 2.49 25.63 23.06
C PRO A 70 1.96 24.24 23.42
N HIS A 71 0.78 23.87 22.95
CA HIS A 71 0.27 22.53 23.26
C HIS A 71 1.18 21.43 22.71
N PHE A 72 1.80 21.65 21.55
CA PHE A 72 2.67 20.63 21.00
C PHE A 72 3.89 20.41 21.87
N GLN A 73 4.46 21.49 22.43
CA GLN A 73 5.62 21.26 23.29
C GLN A 73 5.22 20.67 24.62
N SER A 74 4.01 20.99 25.09
CA SER A 74 3.51 20.26 26.24
C SER A 74 3.41 18.77 25.94
N ALA A 75 2.86 18.43 24.78
CA ALA A 75 2.75 17.02 24.40
C ALA A 75 4.13 16.39 24.26
N MET A 76 5.12 17.13 23.76
CA MET A 76 6.48 16.60 23.66
C MET A 76 7.05 16.29 25.04
N GLN A 77 6.92 17.24 25.98
CA GLN A 77 7.38 17.00 27.35
CA GLN A 77 7.37 17.02 27.36
C GLN A 77 6.51 15.97 28.04
N HIS A 78 5.21 16.00 27.78
CA HIS A 78 4.32 15.02 28.39
C HIS A 78 4.74 13.58 28.07
N TYR A 79 5.22 13.33 26.87
CA TYR A 79 5.58 11.95 26.53
C TYR A 79 7.08 11.72 26.61
N SER A 80 7.80 12.65 27.23
CA SER A 80 9.25 12.53 27.44
C SER A 80 9.98 12.31 26.10
N GLN A 81 9.74 13.23 25.16
CA GLN A 81 10.39 13.25 23.86
C GLN A 81 11.46 14.33 23.80
N LYS A 82 12.72 13.93 23.64
CA LYS A 82 13.80 14.89 23.53
C LYS A 82 13.66 15.73 22.26
N SER A 83 14.05 16.99 22.36
CA SER A 83 14.09 17.92 21.25
C SER A 83 15.53 18.31 20.90
N GLU A 84 15.63 19.14 19.87
CA GLU A 84 16.92 19.66 19.43
C GLU A 84 16.64 20.91 18.60
N VAL A 85 17.63 21.82 18.57
CA VAL A 85 17.47 23.06 17.83
C VAL A 85 17.36 22.77 16.34
N TYR A 86 16.32 23.28 15.71
CA TYR A 86 16.17 23.23 14.27
C TYR A 86 17.15 24.23 13.63
N PRO A 87 18.15 23.78 12.87
CA PRO A 87 19.23 24.70 12.45
C PRO A 87 18.83 25.74 11.41
N PHE A 88 17.79 25.53 10.63
CA PHE A 88 17.56 26.31 9.42
C PHE A 88 16.65 27.50 9.70
N THR A 89 17.18 28.49 10.45
CA THR A 89 16.39 29.66 10.81
C THR A 89 16.86 30.94 10.14
N GLN A 90 17.90 30.89 9.30
CA GLN A 90 18.38 32.07 8.60
C GLN A 90 19.09 31.66 7.32
N LEU A 91 19.35 32.65 6.47
CA LEU A 91 20.02 32.48 5.18
C LEU A 91 21.43 33.10 5.28
N LYS A 92 22.45 32.24 5.26
CA LYS A 92 23.84 32.72 5.31
C LYS A 92 24.29 33.24 3.95
N PHE A 93 23.76 32.69 2.85
CA PHE A 93 24.19 33.05 1.51
C PHE A 93 23.09 33.70 0.70
N LYS A 94 22.50 34.77 1.25
CA LYS A 94 21.47 35.55 0.56
C LYS A 94 21.99 36.07 -0.79
N SER A 95 21.03 36.36 -1.67
CA SER A 95 21.33 36.90 -3.00
C SER A 95 21.27 38.43 -2.94
N HIS A 96 21.03 39.10 -4.07
CA HIS A 96 20.79 40.54 -4.05
C HIS A 96 19.38 40.86 -3.56
N VAL A 97 18.38 40.08 -3.99
CA VAL A 97 16.99 40.45 -3.82
C VAL A 97 16.48 40.24 -2.39
N GLN A 98 17.10 39.34 -1.61
CA GLN A 98 16.54 38.93 -0.31
C GLN A 98 17.10 39.73 0.86
N GLN A 99 17.78 40.85 0.60
CA GLN A 99 17.90 41.93 1.58
C GLN A 99 16.91 43.06 1.33
N LYS A 100 16.56 43.32 0.07
CA LYS A 100 15.40 44.14 -0.26
C LYS A 100 14.11 43.55 0.31
N LEU A 101 14.13 42.30 0.78
CA LEU A 101 13.00 41.65 1.41
C LEU A 101 12.52 42.38 2.67
N LYS A 102 13.40 42.44 3.68
CA LYS A 102 13.00 43.00 4.97
C LYS A 102 12.63 44.48 4.85
N ARG A 103 13.32 45.21 3.96
CA ARG A 103 13.11 46.65 3.82
C ARG A 103 11.92 47.01 2.95
N ALA A 104 11.46 46.10 2.08
CA ALA A 104 10.28 46.36 1.26
C ALA A 104 9.02 45.72 1.83
N MET A 105 9.17 44.59 2.53
CA MET A 105 8.02 43.96 3.17
CA MET A 105 8.04 43.95 3.20
C MET A 105 7.56 44.79 4.37
N ASN A 106 8.50 45.20 5.24
CA ASN A 106 8.19 46.06 6.38
C ASN A 106 7.86 47.48 5.99
N GLU A 107 7.98 47.83 4.70
CA GLU A 107 7.58 49.12 4.18
C GLU A 107 6.28 49.08 3.41
N LEU A 108 5.96 47.94 2.79
CA LEU A 108 4.67 47.74 2.14
C LEU A 108 3.57 47.34 3.13
N SER A 109 3.90 47.19 4.42
CA SER A 109 3.01 46.73 5.48
C SER A 109 1.95 47.75 5.93
N PRO A 110 2.19 49.07 5.82
CA PRO A 110 1.07 50.00 6.08
C PRO A 110 -0.05 49.89 5.08
N ARG A 111 0.25 49.49 3.84
CA ARG A 111 -0.75 49.37 2.80
C ARG A 111 -1.67 48.16 2.98
N LEU A 112 -1.46 47.33 3.99
CA LEU A 112 -2.24 46.11 4.18
C LEU A 112 -3.65 46.37 4.68
N LYS A 113 -3.93 47.58 5.21
CA LYS A 113 -5.27 47.88 5.72
C LYS A 113 -6.24 48.23 4.60
N GLU A 114 -5.76 48.81 3.50
CA GLU A 114 -6.59 49.13 2.34
C GLU A 114 -6.79 47.95 1.41
N HIS A 115 -5.72 47.20 1.11
CA HIS A 115 -5.83 46.08 0.19
C HIS A 115 -5.59 44.74 0.90
N GLY A 116 -6.44 44.43 1.89
CA GLY A 116 -6.27 43.23 2.69
C GLY A 116 -6.84 41.97 2.09
N LYS A 117 -8.05 42.06 1.54
CA LYS A 117 -8.67 40.90 0.90
C LYS A 117 -8.00 40.54 -0.42
N GLU A 118 -7.11 41.38 -0.95
CA GLU A 118 -6.48 41.13 -2.23
C GLU A 118 -5.48 40.00 -2.17
N SER A 119 -5.36 39.25 -3.27
CA SER A 119 -4.37 38.20 -3.35
C SER A 119 -2.96 38.80 -3.33
N PHE A 120 -1.99 38.00 -2.88
CA PHE A 120 -0.69 38.53 -2.51
C PHE A 120 0.06 39.10 -3.71
N LEU A 121 -0.04 38.45 -4.88
CA LEU A 121 0.69 38.99 -6.05
C LEU A 121 0.02 40.25 -6.58
N GLN A 122 -1.31 40.36 -6.47
CA GLN A 122 -1.96 41.63 -6.79
C GLN A 122 -1.41 42.75 -5.92
N PHE A 123 -1.33 42.51 -4.61
CA PHE A 123 -0.83 43.48 -3.64
C PHE A 123 0.58 43.96 -3.99
N VAL A 124 1.58 43.08 -3.90
CA VAL A 124 2.97 43.52 -3.97
C VAL A 124 3.38 43.92 -5.37
N SER A 125 2.49 43.73 -6.35
CA SER A 125 2.73 44.26 -7.69
C SER A 125 2.10 45.64 -7.89
N ARG A 126 1.37 46.15 -6.88
CA ARG A 126 0.90 47.53 -6.92
C ARG A 126 1.95 48.52 -6.45
N TYR A 127 2.83 48.11 -5.51
CA TYR A 127 3.84 48.98 -4.93
C TYR A 127 5.26 48.66 -5.44
N GLN A 128 5.34 48.08 -6.63
CA GLN A 128 6.58 47.69 -7.30
C GLN A 128 6.19 47.10 -8.66
N GLY A 129 7.16 47.00 -9.56
CA GLY A 129 6.89 46.40 -10.86
C GLY A 129 6.38 44.97 -10.72
N HIS A 130 5.63 44.52 -11.74
CA HIS A 130 5.14 43.13 -11.73
C HIS A 130 6.30 42.14 -11.73
N ASP A 131 7.22 42.28 -12.69
CA ASP A 131 8.43 41.45 -12.70
C ASP A 131 9.31 41.69 -11.48
N SER A 132 9.12 42.79 -10.75
CA SER A 132 9.81 43.02 -9.48
C SER A 132 9.08 42.37 -8.32
N ALA A 133 7.77 42.17 -8.44
CA ALA A 133 7.01 41.41 -7.44
C ALA A 133 7.21 39.91 -7.61
N VAL A 134 7.37 39.44 -8.85
CA VAL A 134 7.60 38.02 -9.11
C VAL A 134 9.00 37.63 -8.68
N GLY A 135 9.94 38.56 -8.68
CA GLY A 135 11.27 38.26 -8.19
C GLY A 135 11.37 38.32 -6.68
N MET A 136 10.53 39.14 -6.04
CA MET A 136 10.54 39.35 -4.59
C MET A 136 9.78 38.25 -3.85
N ILE A 137 8.64 37.81 -4.40
CA ILE A 137 7.90 36.73 -3.77
C ILE A 137 8.63 35.41 -3.96
N ARG A 138 9.09 35.14 -5.18
CA ARG A 138 9.78 33.87 -5.45
C ARG A 138 11.09 33.76 -4.70
N SER A 139 11.63 34.89 -4.21
CA SER A 139 12.81 34.84 -3.36
C SER A 139 12.52 34.22 -2.00
N MET A 140 11.26 33.97 -1.67
CA MET A 140 10.92 33.41 -0.36
C MET A 140 10.68 31.91 -0.37
N GLY A 141 10.61 31.27 -1.56
CA GLY A 141 10.75 29.83 -1.69
C GLY A 141 9.49 29.01 -1.53
N TYR A 142 8.39 29.61 -1.06
CA TYR A 142 7.12 28.93 -0.88
C TYR A 142 6.18 29.37 -2.01
N ASP A 143 5.94 28.49 -2.97
CA ASP A 143 5.21 28.87 -4.16
C ASP A 143 3.72 28.93 -3.94
N ALA A 144 3.26 28.70 -2.72
CA ALA A 144 1.85 28.91 -2.44
C ALA A 144 1.47 30.38 -2.46
N LEU A 145 2.44 31.28 -2.27
CA LEU A 145 2.24 32.72 -2.23
C LEU A 145 1.95 33.36 -3.64
N PHE A 146 1.83 32.56 -4.71
CA PHE A 146 1.48 33.06 -6.03
C PHE A 146 0.05 32.73 -6.43
N LEU A 147 -0.83 32.49 -5.46
CA LEU A 147 -2.12 31.91 -5.78
C LEU A 147 -3.26 32.84 -5.40
N PRO A 148 -4.28 32.94 -6.24
CA PRO A 148 -5.41 33.83 -5.92
C PRO A 148 -6.13 33.45 -4.63
N ASP A 149 -6.15 32.17 -4.27
CA ASP A 149 -6.86 31.72 -3.08
C ASP A 149 -6.29 32.38 -1.82
N ILE A 150 -4.97 32.54 -1.77
CA ILE A 150 -4.26 33.05 -0.61
C ILE A 150 -4.12 34.56 -0.74
N SER A 151 -4.63 35.29 0.26
CA SER A 151 -4.72 36.75 0.17
C SER A 151 -3.47 37.44 0.72
N ALA A 152 -3.37 38.75 0.46
CA ALA A 152 -2.20 39.53 0.88
C ALA A 152 -2.10 39.63 2.39
N GLU A 153 -3.25 39.58 3.08
CA GLU A 153 -3.23 39.51 4.54
C GLU A 153 -2.93 38.09 5.03
N MET A 154 -3.60 37.08 4.46
CA MET A 154 -3.31 35.69 4.78
C MET A 154 -1.89 35.28 4.35
N ALA A 155 -1.16 36.13 3.63
CA ALA A 155 0.21 35.85 3.20
C ALA A 155 1.27 36.36 4.17
N TYR A 156 1.03 37.51 4.82
CA TYR A 156 1.97 38.02 5.82
C TYR A 156 2.04 37.11 7.05
N ASP A 157 1.01 36.27 7.27
CA ASP A 157 1.02 35.32 8.38
C ASP A 157 1.82 34.05 8.05
N ILE A 158 1.82 33.62 6.78
CA ILE A 158 2.66 32.49 6.40
C ILE A 158 4.13 32.86 6.48
N VAL A 159 4.48 34.09 6.08
CA VAL A 159 5.89 34.48 6.09
C VAL A 159 6.44 34.50 7.52
N GLY A 160 5.65 34.96 8.49
CA GLY A 160 6.11 35.07 9.85
C GLY A 160 6.03 33.81 10.68
N LYS A 161 5.33 32.80 10.17
CA LYS A 161 5.22 31.53 10.86
C LYS A 161 6.17 30.46 10.30
N HIS A 162 6.99 30.76 9.27
CA HIS A 162 7.90 29.73 8.80
C HIS A 162 9.35 30.09 9.07
N PRO A 163 10.14 29.12 9.56
CA PRO A 163 11.44 29.47 10.18
C PRO A 163 12.52 29.99 9.23
N GLU A 164 12.45 29.71 7.92
CA GLU A 164 13.50 30.14 7.01
C GLU A 164 13.42 31.62 6.64
N ILE A 165 12.27 32.25 6.85
CA ILE A 165 12.00 33.56 6.28
C ILE A 165 11.27 34.45 7.27
N GLN A 166 11.15 34.00 8.53
CA GLN A 166 10.43 34.80 9.50
C GLN A 166 11.19 36.08 9.82
N SER A 167 12.51 36.11 9.57
CA SER A 167 13.27 37.35 9.72
C SER A 167 12.62 38.49 8.96
N VAL A 168 11.97 38.16 7.83
CA VAL A 168 11.41 39.15 6.93
C VAL A 168 10.24 39.94 7.52
N THR A 169 9.72 39.58 8.70
CA THR A 169 8.59 40.30 9.31
C THR A 169 8.72 40.45 10.82
N ASP A 170 9.95 40.65 11.32
CA ASP A 170 10.27 40.97 12.72
C ASP A 170 10.06 39.82 13.70
N ASN A 171 9.91 38.59 13.24
CA ASN A 171 9.57 37.51 14.16
C ASN A 171 10.69 36.50 14.37
N ASP A 172 11.93 36.97 14.59
CA ASP A 172 13.00 36.08 15.01
C ASP A 172 12.90 35.70 16.48
N ALA A 173 11.97 36.29 17.25
CA ALA A 173 11.78 35.86 18.62
C ALA A 173 11.50 34.36 18.70
N ASN A 174 10.70 33.85 17.77
CA ASN A 174 10.34 32.44 17.72
C ASN A 174 11.56 31.55 17.59
N GLN A 175 11.51 30.42 18.26
CA GLN A 175 12.54 29.41 18.15
C GLN A 175 11.96 28.16 17.49
N TRP A 176 12.84 27.35 16.92
CA TRP A 176 12.39 26.17 16.20
C TRP A 176 13.11 24.93 16.69
N PHE A 177 12.34 23.85 16.81
CA PHE A 177 12.84 22.61 17.36
C PHE A 177 12.35 21.48 16.48
N ALA A 178 13.13 20.41 16.47
CA ALA A 178 12.76 19.14 15.89
C ALA A 178 12.87 18.06 16.95
N ALA A 179 12.33 16.90 16.65
CA ALA A 179 12.51 15.76 17.54
C ALA A 179 13.90 15.16 17.32
N GLU A 180 14.49 14.65 18.40
CA GLU A 180 15.78 13.99 18.28
C GLU A 180 15.64 12.67 17.52
N THR A 181 14.60 11.91 17.81
CA THR A 181 14.31 10.66 17.14
C THR A 181 13.22 10.80 16.10
N GLY A 182 12.75 12.01 15.86
CA GLY A 182 11.64 12.21 14.94
C GLY A 182 10.30 12.11 15.64
N PHE A 183 9.28 12.65 14.95
CA PHE A 183 7.98 12.80 15.58
C PHE A 183 7.24 11.48 15.75
N ALA A 184 7.58 10.44 14.99
CA ALA A 184 6.97 9.15 15.25
C ALA A 184 7.17 8.70 16.69
N GLY A 185 8.18 9.23 17.37
CA GLY A 185 8.32 8.96 18.79
C GLY A 185 7.15 9.47 19.60
N LEU A 186 6.68 10.68 19.27
CA LEU A 186 5.44 11.16 19.85
C LEU A 186 4.29 10.22 19.52
N ILE A 187 4.12 9.94 18.23
CA ILE A 187 3.01 9.12 17.76
C ILE A 187 3.05 7.74 18.42
N GLN A 188 4.24 7.18 18.62
CA GLN A 188 4.29 5.91 19.32
CA GLN A 188 4.29 5.91 19.31
C GLN A 188 3.95 6.08 20.79
N GLY A 189 4.35 7.21 21.39
CA GLY A 189 4.05 7.44 22.80
C GLY A 189 2.57 7.53 23.08
N ILE A 190 1.85 8.39 22.36
CA ILE A 190 0.40 8.45 22.51
C ILE A 190 -0.21 7.09 22.24
N LYS A 191 0.23 6.43 21.15
CA LYS A 191 -0.38 5.18 20.74
C LYS A 191 -0.27 4.15 21.84
N ALA A 192 0.88 4.08 22.50
CA ALA A 192 1.04 3.12 23.58
C ALA A 192 0.11 3.44 24.75
N LYS A 193 -0.10 4.73 25.04
CA LYS A 193 -1.02 5.06 26.11
C LYS A 193 -2.43 4.59 25.77
N VAL A 194 -2.90 4.93 24.59
CA VAL A 194 -4.24 4.53 24.15
C VAL A 194 -4.40 3.00 24.05
N LYS A 195 -3.32 2.26 23.75
CA LYS A 195 -3.43 0.81 23.69
C LYS A 195 -3.45 0.22 25.09
N ALA A 196 -2.63 0.77 25.98
CA ALA A 196 -2.54 0.33 27.37
C ALA A 196 -3.84 0.52 28.11
N ALA A 197 -4.67 1.45 27.66
CA ALA A 197 -5.96 1.73 28.28
C ALA A 197 -7.08 1.01 27.59
N GLY A 198 -6.74 0.08 26.68
CA GLY A 198 -7.68 -0.91 26.21
C GLY A 198 -8.36 -0.64 24.89
N ALA A 199 -7.99 0.43 24.18
CA ALA A 199 -8.56 0.66 22.85
C ALA A 199 -8.02 -0.38 21.88
N ARG A 200 -8.86 -0.82 20.94
CA ARG A 200 -8.44 -1.82 19.99
C ARG A 200 -8.23 -1.15 18.63
N PHE A 201 -7.04 -1.37 18.06
CA PHE A 201 -6.63 -0.83 16.77
C PHE A 201 -6.93 -1.76 15.61
N SER A 202 -7.27 -1.16 14.48
CA SER A 202 -7.51 -1.89 13.23
C SER A 202 -6.89 -1.07 12.09
N LEU A 203 -5.58 -1.16 11.94
CA LEU A 203 -4.89 -0.51 10.83
C LEU A 203 -4.99 -1.33 9.54
N GLY A 204 -4.75 -0.66 8.42
CA GLY A 204 -4.98 -1.25 7.12
C GLY A 204 -6.43 -1.25 6.66
N TYR A 205 -7.36 -0.75 7.45
CA TYR A 205 -8.77 -0.73 7.07
C TYR A 205 -9.18 0.69 6.70
N ARG A 206 -9.97 0.82 5.65
CA ARG A 206 -10.29 2.15 5.14
C ARG A 206 -11.79 2.33 5.00
N LEU A 207 -12.31 3.39 5.62
CA LEU A 207 -13.73 3.69 5.60
C LEU A 207 -14.18 4.17 4.23
N LEU A 208 -15.26 3.57 3.70
CA LEU A 208 -15.86 3.95 2.43
C LEU A 208 -17.24 4.56 2.55
N SER A 209 -17.97 4.28 3.63
CA SER A 209 -19.31 4.82 3.75
C SER A 209 -19.76 4.69 5.19
N VAL A 210 -20.61 5.62 5.61
CA VAL A 210 -21.27 5.62 6.91
C VAL A 210 -22.77 5.64 6.69
N ARG A 211 -23.51 5.13 7.66
CA ARG A 211 -24.97 5.23 7.62
C ARG A 211 -25.48 5.18 9.06
N THR A 212 -26.38 6.10 9.38
CA THR A 212 -26.95 6.12 10.72
C THR A 212 -27.82 4.89 10.95
N ASP A 213 -28.12 4.62 12.23
CA ASP A 213 -29.04 3.55 12.59
C ASP A 213 -29.51 3.69 14.04
N GLY A 214 -30.34 4.70 14.28
CA GLY A 214 -30.85 4.90 15.62
C GLY A 214 -29.78 5.51 16.51
N ASP A 215 -29.57 4.89 17.66
CA ASP A 215 -28.64 5.41 18.65
C ASP A 215 -27.21 5.46 18.13
N GLY A 216 -26.90 4.71 17.06
CA GLY A 216 -25.54 4.60 16.53
C GLY A 216 -25.41 4.64 15.01
N TYR A 217 -24.29 4.14 14.49
CA TYR A 217 -23.97 4.23 13.06
C TYR A 217 -23.37 2.91 12.62
N LEU A 218 -23.44 2.65 11.32
CA LEU A 218 -22.90 1.44 10.73
C LEU A 218 -21.91 1.83 9.63
N LEU A 219 -20.68 1.32 9.71
CA LEU A 219 -19.57 1.75 8.87
C LEU A 219 -19.14 0.64 7.93
N GLN A 220 -18.94 0.99 6.65
CA GLN A 220 -18.38 0.08 5.67
C GLN A 220 -16.89 0.35 5.54
N LEU A 221 -16.07 -0.69 5.73
CA LEU A 221 -14.63 -0.55 5.60
C LEU A 221 -14.07 -1.65 4.69
N ALA A 222 -12.95 -1.33 4.04
CA ALA A 222 -12.28 -2.23 3.13
C ALA A 222 -10.81 -2.35 3.50
N GLY A 223 -10.37 -3.57 3.82
CA GLY A 223 -8.96 -3.81 4.06
C GLY A 223 -8.12 -3.58 2.82
N ASP A 224 -6.84 -3.31 3.01
CA ASP A 224 -5.99 -3.08 1.86
C ASP A 224 -5.66 -4.37 1.11
N ASP A 225 -6.05 -5.52 1.66
CA ASP A 225 -6.02 -6.79 0.95
C ASP A 225 -7.40 -7.18 0.46
N GLY A 226 -8.30 -6.23 0.30
CA GLY A 226 -9.60 -6.51 -0.26
C GLY A 226 -10.66 -6.83 0.76
N TRP A 227 -10.30 -7.34 1.93
CA TRP A 227 -11.28 -7.88 2.87
C TRP A 227 -12.31 -6.85 3.33
N LYS A 228 -13.53 -6.89 2.78
CA LYS A 228 -14.55 -5.95 3.18
C LYS A 228 -15.01 -6.26 4.61
N LEU A 229 -15.55 -5.24 5.26
CA LEU A 229 -15.76 -5.35 6.70
C LEU A 229 -16.80 -4.32 7.14
N GLU A 230 -17.61 -4.73 8.11
CA GLU A 230 -18.73 -3.93 8.56
C GLU A 230 -18.61 -3.76 10.06
N HIS A 231 -18.78 -2.53 10.54
CA HIS A 231 -18.59 -2.21 11.95
C HIS A 231 -19.64 -1.22 12.39
N ARG A 232 -20.30 -1.52 13.51
CA ARG A 232 -21.27 -0.63 14.11
C ARG A 232 -20.70 0.02 15.38
N THR A 233 -20.93 1.32 15.52
CA THR A 233 -20.52 2.06 16.70
C THR A 233 -21.68 2.93 17.16
N ARG A 234 -21.60 3.42 18.40
CA ARG A 234 -22.64 4.31 18.92
C ARG A 234 -22.22 5.77 18.85
N HIS A 235 -20.92 6.05 18.93
CA HIS A 235 -20.42 7.40 18.77
C HIS A 235 -19.19 7.33 17.90
N LEU A 236 -19.01 8.31 17.01
CA LEU A 236 -18.01 8.21 15.97
C LEU A 236 -17.36 9.55 15.70
N ILE A 237 -16.03 9.57 15.80
CA ILE A 237 -15.20 10.70 15.40
C ILE A 237 -14.52 10.34 14.08
N LEU A 238 -14.64 11.22 13.10
CA LEU A 238 -13.89 11.12 11.86
C LEU A 238 -12.71 12.09 11.98
N ALA A 239 -11.57 11.57 12.44
CA ALA A 239 -10.35 12.36 12.58
C ALA A 239 -9.50 12.24 11.31
N ILE A 240 -10.03 12.85 10.25
CA ILE A 240 -9.40 12.82 8.94
C ILE A 240 -9.47 14.20 8.34
N PRO A 241 -8.60 14.52 7.40
CA PRO A 241 -8.60 15.85 6.78
C PRO A 241 -9.80 16.05 5.88
N PRO A 242 -10.12 17.29 5.52
CA PRO A 242 -11.33 17.55 4.74
C PRO A 242 -11.31 16.96 3.35
N SER A 243 -10.15 16.86 2.70
CA SER A 243 -10.09 16.15 1.44
C SER A 243 -10.59 14.73 1.59
N ALA A 244 -10.19 14.05 2.67
CA ALA A 244 -10.71 12.71 2.92
C ALA A 244 -12.20 12.73 3.22
N MET A 245 -12.66 13.78 3.91
CA MET A 245 -14.07 13.87 4.28
C MET A 245 -14.98 13.93 3.06
N ALA A 246 -14.55 14.67 2.03
CA ALA A 246 -15.36 14.81 0.82
C ALA A 246 -15.52 13.49 0.10
N GLY A 247 -14.57 12.57 0.26
CA GLY A 247 -14.61 11.29 -0.40
C GLY A 247 -15.63 10.31 0.12
N LEU A 248 -16.47 10.70 1.07
CA LEU A 248 -17.49 9.82 1.63
C LEU A 248 -18.88 10.28 1.17
N ASN A 249 -19.90 9.70 1.79
CA ASN A 249 -21.28 10.04 1.48
C ASN A 249 -21.88 10.95 2.52
N VAL A 250 -21.13 11.91 3.04
CA VAL A 250 -21.64 12.65 4.18
C VAL A 250 -21.61 14.16 3.92
N ASP A 251 -22.33 14.57 2.88
CA ASP A 251 -22.75 15.96 2.67
C ASP A 251 -21.71 16.95 3.15
N PHE A 252 -20.49 16.80 2.64
CA PHE A 252 -19.41 17.67 3.06
C PHE A 252 -19.07 18.64 1.93
N PRO A 253 -18.81 19.92 2.26
CA PRO A 253 -18.81 20.53 3.60
C PRO A 253 -20.15 21.10 4.06
N GLU A 254 -21.23 20.79 3.34
CA GLU A 254 -22.52 21.47 3.52
C GLU A 254 -23.10 21.26 4.91
N ALA A 255 -23.45 20.01 5.23
CA ALA A 255 -24.11 19.67 6.48
C ALA A 255 -23.21 19.86 7.69
N TRP A 256 -22.15 20.63 7.55
CA TRP A 256 -21.17 20.74 8.62
C TRP A 256 -20.82 22.18 8.94
N SER A 257 -20.63 23.03 7.93
CA SER A 257 -20.19 24.39 8.19
C SER A 257 -20.19 25.22 6.92
N GLY A 258 -20.41 26.52 7.10
CA GLY A 258 -20.28 27.49 6.04
C GLY A 258 -18.82 27.85 5.83
N ALA A 259 -18.07 26.90 5.28
CA ALA A 259 -16.69 27.13 4.90
C ALA A 259 -16.39 26.23 3.71
N ARG A 260 -15.48 26.69 2.87
CA ARG A 260 -14.86 25.85 1.87
C ARG A 260 -13.46 25.52 2.32
N TYR A 261 -12.83 24.60 1.58
CA TYR A 261 -11.50 24.12 1.92
C TYR A 261 -10.75 23.84 0.64
N GLY A 262 -9.46 24.20 0.61
CA GLY A 262 -8.57 23.82 -0.47
C GLY A 262 -7.38 23.04 0.08
N SER A 263 -6.46 22.71 -0.83
CA SER A 263 -5.23 22.08 -0.38
C SER A 263 -4.09 22.40 -1.32
N LEU A 264 -2.86 22.26 -0.80
CA LEU A 264 -1.64 22.38 -1.56
C LEU A 264 -0.86 21.08 -1.52
N PRO A 265 -0.26 20.69 -2.64
CA PRO A 265 0.66 19.56 -2.61
C PRO A 265 2.02 19.97 -2.10
N LEU A 266 2.71 19.01 -1.50
CA LEU A 266 4.06 19.23 -1.00
C LEU A 266 4.95 18.11 -1.53
N PHE A 267 6.24 18.40 -1.59
CA PHE A 267 7.19 17.41 -2.06
C PHE A 267 8.47 17.59 -1.27
N LYS A 268 9.04 16.50 -0.83
CA LYS A 268 10.36 16.50 -0.22
C LYS A 268 11.18 15.39 -0.86
N GLY A 269 12.45 15.69 -1.16
CA GLY A 269 13.36 14.69 -1.67
C GLY A 269 14.65 14.70 -0.87
N PHE A 270 15.08 13.52 -0.42
CA PHE A 270 16.25 13.41 0.43
C PHE A 270 17.37 12.72 -0.34
N LEU A 271 18.61 13.13 -0.05
CA LEU A 271 19.75 12.55 -0.76
C LEU A 271 20.91 12.38 0.21
N THR A 272 21.46 11.17 0.26
CA THR A 272 22.61 10.87 1.08
C THR A 272 23.80 10.52 0.19
N TYR A 273 25.00 10.82 0.69
CA TYR A 273 26.20 10.70 -0.12
C TYR A 273 27.28 9.95 0.65
N GLY A 274 28.16 9.29 -0.09
CA GLY A 274 29.36 8.68 0.45
C GLY A 274 30.21 9.65 1.26
N GLU A 275 30.73 10.71 0.61
CA GLU A 275 31.42 11.74 1.38
C GLU A 275 30.54 12.98 1.48
N PRO A 276 30.44 13.62 2.63
CA PRO A 276 29.66 14.88 2.72
C PRO A 276 30.34 16.04 2.02
N TRP A 277 30.10 16.13 0.71
CA TRP A 277 30.88 17.05 -0.10
C TRP A 277 30.56 18.51 0.17
N TRP A 278 29.33 18.82 0.54
CA TRP A 278 28.95 20.24 0.65
C TRP A 278 29.66 20.98 1.79
N LEU A 279 30.49 20.30 2.60
CA LEU A 279 31.21 21.00 3.65
C LEU A 279 32.18 22.00 3.08
N ASP A 280 32.83 21.65 1.96
CA ASP A 280 33.82 22.48 1.29
C ASP A 280 33.24 23.83 0.89
N TYR A 281 31.95 24.02 1.11
CA TYR A 281 31.26 25.27 0.83
C TYR A 281 30.69 25.95 2.07
N LYS A 282 31.05 25.47 3.27
CA LYS A 282 30.52 26.03 4.51
C LYS A 282 28.98 25.98 4.52
N LEU A 283 28.43 24.90 3.95
CA LEU A 283 26.99 24.76 3.77
C LEU A 283 26.30 23.93 4.85
N ASP A 284 27.03 23.32 5.77
CA ASP A 284 26.40 22.49 6.78
C ASP A 284 25.45 23.30 7.65
N ASP A 285 24.31 22.70 8.00
CA ASP A 285 23.21 23.33 8.75
C ASP A 285 22.81 24.68 8.15
N GLN A 286 22.76 24.76 6.83
CA GLN A 286 22.37 25.99 6.14
C GLN A 286 21.23 25.71 5.18
N VAL A 287 20.59 26.76 4.70
CA VAL A 287 19.49 26.60 3.75
C VAL A 287 19.58 27.71 2.69
N LEU A 288 19.51 27.31 1.41
CA LEU A 288 19.55 28.23 0.28
C LEU A 288 18.18 28.26 -0.38
N ILE A 289 17.59 29.45 -0.48
CA ILE A 289 16.35 29.63 -1.23
C ILE A 289 16.73 30.15 -2.61
N VAL A 290 16.34 29.40 -3.64
CA VAL A 290 16.86 29.60 -4.99
C VAL A 290 15.72 29.71 -5.99
N ASP A 291 16.05 30.34 -7.12
CA ASP A 291 15.07 30.49 -8.18
C ASP A 291 14.73 29.15 -8.84
N ASN A 292 15.73 28.28 -9.04
CA ASN A 292 15.52 27.08 -9.84
C ASN A 292 14.56 26.12 -9.13
N PRO A 293 14.12 25.06 -9.83
CA PRO A 293 13.02 24.23 -9.29
C PRO A 293 13.26 23.60 -7.93
N LEU A 294 14.50 23.51 -7.44
CA LEU A 294 14.66 22.99 -6.09
C LEU A 294 14.04 23.90 -5.04
N ARG A 295 13.99 25.22 -5.32
CA ARG A 295 13.37 26.24 -4.47
C ARG A 295 14.01 26.35 -3.08
N LYS A 296 13.93 25.32 -2.22
CA LYS A 296 14.52 25.40 -0.88
C LYS A 296 15.42 24.20 -0.66
N ILE A 297 16.69 24.44 -0.37
CA ILE A 297 17.70 23.40 -0.33
C ILE A 297 18.33 23.38 1.06
N TYR A 298 18.35 22.22 1.70
CA TYR A 298 18.78 22.09 3.09
C TYR A 298 19.93 21.12 3.22
N PHE A 299 20.91 21.49 4.04
CA PHE A 299 22.07 20.64 4.29
C PHE A 299 22.12 20.30 5.78
N LYS A 300 21.80 19.05 6.12
CA LYS A 300 21.76 18.65 7.51
C LYS A 300 23.17 18.22 7.90
N GLY A 301 23.86 19.10 8.63
CA GLY A 301 25.21 18.87 9.12
C GLY A 301 26.11 18.24 8.09
N ASP A 302 26.50 16.99 8.33
CA ASP A 302 27.32 16.26 7.37
C ASP A 302 26.67 14.92 7.04
N LYS A 303 25.34 14.86 7.09
CA LYS A 303 24.63 13.60 7.03
C LYS A 303 23.82 13.43 5.76
N TYR A 304 23.05 14.44 5.37
CA TYR A 304 22.24 14.36 4.15
C TYR A 304 21.82 15.77 3.78
N LEU A 305 21.41 15.92 2.52
CA LEU A 305 20.73 17.12 2.09
C LEU A 305 19.33 16.77 1.63
N PHE A 306 18.44 17.75 1.62
CA PHE A 306 17.14 17.53 1.04
C PHE A 306 16.61 18.84 0.50
N PHE A 307 15.48 18.75 -0.20
CA PHE A 307 14.87 19.92 -0.80
C PHE A 307 13.37 19.77 -0.71
N TYR A 308 12.68 20.90 -0.68
CA TYR A 308 11.30 20.96 -0.21
C TYR A 308 10.58 22.01 -1.03
N THR A 309 9.56 21.60 -1.77
CA THR A 309 8.78 22.48 -2.61
C THR A 309 7.30 22.22 -2.40
N ASP A 310 6.51 23.12 -2.93
CA ASP A 310 5.08 23.05 -2.83
C ASP A 310 4.40 23.58 -4.06
N SER A 311 3.12 23.31 -4.13
CA SER A 311 2.27 23.72 -5.23
C SER A 311 2.75 23.16 -6.53
N GLU A 312 2.83 23.99 -7.56
CA GLU A 312 3.21 23.52 -8.86
C GLU A 312 4.57 22.92 -8.81
N MET A 313 5.47 23.57 -8.14
CA MET A 313 6.80 22.98 -8.06
C MET A 313 6.75 21.56 -7.52
N ALA A 314 5.95 21.33 -6.48
CA ALA A 314 5.72 19.97 -6.01
C ALA A 314 5.20 19.08 -7.12
N ASN A 315 4.33 19.61 -7.99
CA ASN A 315 3.85 18.79 -9.09
C ASN A 315 4.89 18.62 -10.19
N TYR A 316 5.76 19.61 -10.36
CA TYR A 316 6.89 19.45 -11.26
C TYR A 316 7.67 18.20 -10.88
N TRP A 317 8.02 18.09 -9.61
CA TRP A 317 8.87 16.98 -9.18
C TRP A 317 8.14 15.65 -9.23
N ARG A 318 6.85 15.65 -8.92
CA ARG A 318 6.14 14.39 -8.91
C ARG A 318 6.03 13.83 -10.32
N GLY A 319 5.87 14.71 -11.27
CA GLY A 319 5.86 14.31 -12.65
C GLY A 319 7.20 13.78 -13.10
N CYS A 320 8.26 14.41 -12.66
CA CYS A 320 9.58 14.01 -13.05
C CYS A 320 9.89 12.60 -12.61
N VAL A 321 9.51 12.24 -11.41
CA VAL A 321 9.74 10.91 -10.92
C VAL A 321 8.95 9.93 -11.71
N ALA A 322 7.75 10.31 -12.04
CA ALA A 322 6.86 9.42 -12.79
C ALA A 322 7.49 8.97 -14.10
N GLU A 323 8.27 9.84 -14.75
CA GLU A 323 9.00 9.51 -15.96
C GLU A 323 10.37 8.91 -15.67
N GLY A 324 10.57 8.37 -14.47
CA GLY A 324 11.78 7.61 -14.20
C GLY A 324 12.69 8.29 -13.19
N GLU A 325 13.24 7.48 -12.28
CA GLU A 325 14.16 7.97 -11.25
CA GLU A 325 14.16 7.97 -11.25
C GLU A 325 15.46 8.52 -11.82
N ASP A 326 15.84 8.14 -13.03
CA ASP A 326 17.08 8.64 -13.62
CA ASP A 326 17.11 8.66 -13.55
C ASP A 326 16.95 10.07 -14.11
N GLY A 327 15.84 10.37 -14.80
CA GLY A 327 15.60 11.73 -15.20
C GLY A 327 15.56 12.68 -14.02
N TYR A 328 15.08 12.18 -12.89
CA TYR A 328 14.86 12.96 -11.67
C TYR A 328 16.19 13.28 -10.99
N LEU A 329 17.03 12.27 -10.76
CA LEU A 329 18.28 12.51 -10.05
C LEU A 329 19.23 13.41 -10.84
N GLU A 330 19.20 13.32 -12.18
CA GLU A 330 20.07 14.17 -13.00
C GLU A 330 19.55 15.59 -13.04
N GLN A 331 18.22 15.74 -13.05
CA GLN A 331 17.58 17.04 -12.89
C GLN A 331 18.02 17.72 -11.59
N ILE A 332 17.86 17.00 -10.47
CA ILE A 332 18.30 17.51 -9.17
C ILE A 332 19.73 17.97 -9.23
N ARG A 333 20.58 17.19 -9.87
CA ARG A 333 21.99 17.51 -9.83
C ARG A 333 22.36 18.66 -10.75
N THR A 334 21.58 18.87 -11.82
CA THR A 334 21.72 20.09 -12.63
C THR A 334 21.41 21.34 -11.80
N HIS A 335 20.20 21.39 -11.24
CA HIS A 335 19.75 22.53 -10.47
C HIS A 335 20.62 22.75 -9.24
N LEU A 336 21.06 21.67 -8.60
CA LEU A 336 22.04 21.79 -7.54
C LEU A 336 23.29 22.54 -7.99
N ALA A 337 23.79 22.24 -9.19
CA ALA A 337 24.99 22.95 -9.68
C ALA A 337 24.69 24.43 -9.96
N SER A 338 23.54 24.72 -10.57
CA SER A 338 23.25 26.13 -10.85
C SER A 338 23.12 26.92 -9.56
N ALA A 339 22.59 26.28 -8.50
CA ALA A 339 22.46 26.96 -7.22
C ALA A 339 23.81 27.21 -6.57
N LEU A 340 24.76 26.31 -6.71
CA LEU A 340 26.07 26.56 -6.11
C LEU A 340 27.01 27.35 -7.03
N GLY A 341 26.62 27.60 -8.28
CA GLY A 341 27.49 28.31 -9.19
C GLY A 341 28.65 27.50 -9.71
N ILE A 342 28.47 26.17 -9.86
CA ILE A 342 29.52 25.26 -10.29
C ILE A 342 29.00 24.38 -11.44
N VAL A 343 29.93 23.64 -11.99
CA VAL A 343 29.67 22.73 -13.05
C VAL A 343 29.04 21.50 -12.53
N ARG A 344 28.31 20.86 -13.40
CA ARG A 344 27.56 19.68 -13.13
C ARG A 344 28.39 18.51 -12.68
N GLU A 345 29.58 18.38 -13.21
CA GLU A 345 30.45 17.30 -12.94
C GLU A 345 31.07 17.26 -11.56
N ARG A 346 30.90 18.31 -10.79
CA ARG A 346 31.40 18.35 -9.43
C ARG A 346 30.38 17.91 -8.39
N ILE A 347 29.09 17.94 -8.73
CA ILE A 347 28.04 17.37 -7.89
C ILE A 347 28.18 15.85 -7.97
N PRO A 348 28.54 15.18 -6.88
CA PRO A 348 28.59 13.72 -6.92
C PRO A 348 27.19 13.12 -7.05
N GLN A 349 27.16 11.86 -7.40
CA GLN A 349 25.92 11.11 -7.41
CA GLN A 349 25.92 11.11 -7.41
C GLN A 349 25.66 10.49 -6.05
N PRO A 350 24.40 10.37 -5.68
CA PRO A 350 24.07 9.87 -4.35
C PRO A 350 23.98 8.35 -4.27
N LEU A 351 24.30 7.83 -3.09
CA LEU A 351 24.07 6.43 -2.77
C LEU A 351 22.58 6.15 -2.65
N ALA A 352 22.02 6.60 -1.54
CA ALA A 352 20.64 6.36 -1.20
C ALA A 352 19.84 7.64 -1.33
N HIS A 353 18.56 7.49 -1.66
CA HIS A 353 17.73 8.65 -1.84
C HIS A 353 16.28 8.23 -1.70
N VAL A 354 15.49 9.07 -1.04
CA VAL A 354 14.08 8.78 -0.85
C VAL A 354 13.32 10.09 -1.09
N HIS A 355 12.05 9.96 -1.47
CA HIS A 355 11.19 11.13 -1.61
C HIS A 355 9.75 10.79 -1.32
N LYS A 356 8.97 11.83 -1.00
CA LYS A 356 7.55 11.67 -0.72
C LYS A 356 6.80 12.84 -1.34
N TYR A 357 5.64 12.54 -1.87
CA TYR A 357 4.74 13.56 -2.43
C TYR A 357 3.41 13.48 -1.70
N TRP A 358 2.90 14.64 -1.28
CA TRP A 358 1.66 14.70 -0.51
C TRP A 358 0.64 15.41 -1.37
N ALA A 359 -0.26 14.63 -1.98
CA ALA A 359 -1.29 15.20 -2.85
C ALA A 359 -2.08 16.30 -2.15
N HIS A 360 -2.31 16.14 -0.84
CA HIS A 360 -2.97 17.14 0.00
C HIS A 360 -2.07 17.41 1.21
N GLY A 361 -1.00 18.15 1.00
CA GLY A 361 -0.03 18.32 2.05
C GLY A 361 -0.58 19.20 3.16
N VAL A 362 -1.02 20.38 2.78
CA VAL A 362 -1.64 21.33 3.69
C VAL A 362 -3.09 21.49 3.28
N GLU A 363 -3.99 21.43 4.25
CA GLU A 363 -5.41 21.71 4.05
C GLU A 363 -5.78 22.93 4.86
N PHE A 364 -6.35 23.94 4.21
CA PHE A 364 -6.53 25.22 4.86
C PHE A 364 -8.00 25.65 4.81
N CYS A 365 -8.23 26.81 5.44
CA CYS A 365 -9.55 27.34 5.72
C CYS A 365 -9.87 28.45 4.73
N ARG A 366 -10.99 28.31 4.01
CA ARG A 366 -11.46 29.31 3.04
C ARG A 366 -12.38 30.29 3.76
N ASP A 367 -11.78 31.33 4.35
CA ASP A 367 -12.52 32.37 5.06
C ASP A 367 -11.57 33.44 5.59
N ILE A 370 -14.87 33.53 9.11
CA ILE A 370 -13.89 33.46 10.17
C ILE A 370 -14.58 33.30 11.54
N ASP A 371 -15.85 32.89 11.52
CA ASP A 371 -16.61 32.61 12.76
C ASP A 371 -16.58 31.11 13.06
N HIS A 372 -15.35 30.60 13.21
CA HIS A 372 -14.99 29.21 12.97
C HIS A 372 -14.76 28.44 14.27
N PRO A 373 -15.47 27.33 14.50
CA PRO A 373 -15.19 26.49 15.67
C PRO A 373 -14.08 25.48 15.36
N SER A 374 -13.51 24.95 16.45
CA SER A 374 -12.31 24.10 16.33
C SER A 374 -12.63 22.68 15.86
N ALA A 375 -13.87 22.24 15.98
CA ALA A 375 -14.25 20.92 15.48
C ALA A 375 -15.69 20.96 15.02
N LEU A 376 -16.00 20.23 13.97
CA LEU A 376 -17.31 20.28 13.35
C LEU A 376 -18.24 19.20 13.87
N SER A 377 -19.53 19.47 13.79
CA SER A 377 -20.56 18.48 14.07
C SER A 377 -21.52 18.44 12.89
N HIS A 378 -22.03 17.25 12.61
CA HIS A 378 -23.01 17.10 11.54
C HIS A 378 -24.32 17.75 11.95
N ARG A 379 -24.93 18.48 11.01
CA ARG A 379 -26.21 19.13 11.24
C ARG A 379 -27.26 18.15 11.78
N ASP A 380 -27.20 16.89 11.36
CA ASP A 380 -28.25 15.90 11.60
C ASP A 380 -27.77 14.70 12.41
N SER A 381 -26.65 14.08 12.04
CA SER A 381 -26.33 12.75 12.56
C SER A 381 -25.42 12.75 13.78
N GLY A 382 -24.71 13.83 14.06
CA GLY A 382 -23.86 13.88 15.23
C GLY A 382 -22.49 13.26 15.09
N ILE A 383 -22.10 12.86 13.89
CA ILE A 383 -20.70 12.55 13.62
C ILE A 383 -19.87 13.80 13.88
N ILE A 384 -18.71 13.61 14.50
CA ILE A 384 -17.80 14.73 14.79
C ILE A 384 -16.58 14.61 13.90
N ALA A 385 -16.18 15.74 13.30
CA ALA A 385 -15.02 15.81 12.45
C ALA A 385 -13.91 16.57 13.17
N CYS A 386 -12.68 16.10 13.02
CA CYS A 386 -11.55 16.57 13.80
C CYS A 386 -10.36 16.70 12.86
N SER A 387 -9.76 17.90 12.80
CA SER A 387 -8.69 18.15 11.85
C SER A 387 -8.04 19.50 12.16
N ASP A 388 -6.73 19.58 11.90
CA ASP A 388 -5.99 20.83 11.99
C ASP A 388 -6.56 21.91 11.07
N ALA A 389 -7.38 21.53 10.09
CA ALA A 389 -7.91 22.47 9.13
C ALA A 389 -9.06 23.30 9.67
N TYR A 390 -9.53 23.04 10.90
CA TYR A 390 -10.67 23.75 11.49
C TYR A 390 -10.24 24.76 12.54
N THR A 391 -9.00 25.20 12.53
CA THR A 391 -8.44 25.97 13.62
C THR A 391 -7.75 27.21 13.07
N GLU A 392 -7.37 28.11 13.98
CA GLU A 392 -6.48 29.21 13.60
C GLU A 392 -5.16 28.68 13.01
N HIS A 393 -4.78 27.46 13.35
CA HIS A 393 -3.51 26.87 12.94
C HIS A 393 -3.68 25.88 11.79
N CYS A 394 -4.45 26.27 10.77
CA CYS A 394 -4.59 25.49 9.53
C CYS A 394 -3.22 25.05 9.06
N GLY A 395 -2.90 23.77 9.22
CA GLY A 395 -1.70 23.19 8.63
C GLY A 395 -0.52 22.93 9.56
N TRP A 396 -0.72 22.90 10.86
CA TRP A 396 0.34 22.62 11.82
C TRP A 396 -0.15 21.50 12.74
N MET A 397 0.78 20.76 13.32
CA MET A 397 0.39 19.70 14.24
C MET A 397 -0.44 20.28 15.37
N GLU A 398 -0.09 21.51 15.79
CA GLU A 398 -0.83 22.21 16.85
C GLU A 398 -2.32 22.25 16.55
N GLY A 399 -2.68 22.47 15.28
CA GLY A 399 -4.09 22.47 14.93
C GLY A 399 -4.76 21.15 15.23
N GLY A 400 -4.06 20.04 14.99
CA GLY A 400 -4.63 18.75 15.29
C GLY A 400 -4.82 18.52 16.78
N LEU A 401 -3.96 19.11 17.61
CA LEU A 401 -4.12 18.96 19.05
C LEU A 401 -5.31 19.76 19.55
N LEU A 402 -5.46 20.99 19.06
CA LEU A 402 -6.60 21.82 19.43
C LEU A 402 -7.89 21.19 18.94
N SER A 403 -7.92 20.76 17.68
CA SER A 403 -9.15 20.17 17.18
C SER A 403 -9.47 18.88 17.94
N ALA A 404 -8.44 18.14 18.36
CA ALA A 404 -8.69 16.93 19.11
C ALA A 404 -9.41 17.23 20.40
N ARG A 405 -8.86 18.14 21.22
CA ARG A 405 -9.49 18.57 22.47
C ARG A 405 -10.97 18.91 22.27
N GLU A 406 -11.24 19.83 21.34
CA GLU A 406 -12.61 20.22 21.03
C GLU A 406 -13.51 19.01 20.77
N ALA A 407 -13.10 18.14 19.86
CA ALA A 407 -13.96 17.02 19.46
C ALA A 407 -14.14 16.01 20.58
N SER A 408 -13.16 15.85 21.45
CA SER A 408 -13.37 15.03 22.63
C SER A 408 -14.51 15.58 23.46
N ARG A 409 -14.52 16.90 23.65
CA ARG A 409 -15.46 17.48 24.60
C ARG A 409 -16.88 17.41 24.05
N LEU A 410 -17.05 17.72 22.76
CA LEU A 410 -18.34 17.53 22.09
C LEU A 410 -18.81 16.09 22.20
N LEU A 411 -17.89 15.14 22.07
CA LEU A 411 -18.28 13.73 22.11
C LEU A 411 -18.59 13.29 23.54
N LEU A 412 -17.97 13.92 24.54
CA LEU A 412 -18.28 13.59 25.92
C LEU A 412 -19.62 14.20 26.33
N GLN A 413 -19.90 15.42 25.85
CA GLN A 413 -21.22 16.02 26.02
C GLN A 413 -22.32 15.15 25.41
N ARG A 414 -22.03 14.44 24.32
CA ARG A 414 -23.00 13.53 23.72
C ARG A 414 -23.06 12.21 24.47
N ILE A 415 -22.03 11.86 25.23
CA ILE A 415 -22.09 10.70 26.12
C ILE A 415 -22.97 11.05 27.30
N ALA A 416 -22.51 11.97 28.15
CA ALA A 416 -23.34 12.43 29.26
C ALA A 416 -24.58 13.15 28.73
N ALA A 417 -25.56 13.34 29.62
CA ALA A 417 -26.79 14.07 29.32
C ALA A 417 -27.49 13.60 28.02
N LYS B 1 6.50 12.55 -25.71
CA LYS B 1 6.28 13.08 -24.36
C LYS B 1 6.39 11.97 -23.31
N HIS B 2 5.25 11.65 -22.68
CA HIS B 2 5.11 10.45 -21.85
C HIS B 2 4.35 9.38 -22.65
N SER B 3 5.11 8.66 -23.49
CA SER B 3 4.55 7.71 -24.44
C SER B 3 5.51 6.55 -24.65
N SER B 4 4.99 5.47 -25.23
CA SER B 4 5.79 4.28 -25.47
C SER B 4 5.19 3.51 -26.64
N ASP B 5 6.03 2.72 -27.30
CA ASP B 5 5.52 1.82 -28.35
C ASP B 5 4.69 0.71 -27.76
N ILE B 6 5.26 -0.03 -26.81
CA ILE B 6 4.62 -1.20 -26.22
C ILE B 6 4.48 -0.97 -24.71
N CYS B 7 3.29 -1.25 -24.19
CA CYS B 7 3.03 -1.08 -22.76
C CYS B 7 2.41 -2.35 -22.20
N ILE B 8 3.04 -2.91 -21.18
CA ILE B 8 2.56 -4.09 -20.46
C ILE B 8 2.05 -3.63 -19.10
N VAL B 9 0.76 -3.79 -18.87
CA VAL B 9 0.19 -3.53 -17.54
C VAL B 9 0.14 -4.85 -16.79
N GLY B 10 0.96 -4.99 -15.77
CA GLY B 10 1.02 -6.22 -15.02
C GLY B 10 2.45 -6.71 -14.95
N ALA B 11 3.00 -6.80 -13.75
CA ALA B 11 4.38 -7.24 -13.59
C ALA B 11 4.47 -8.51 -12.75
N GLY B 12 3.47 -9.38 -12.83
CA GLY B 12 3.65 -10.72 -12.32
C GLY B 12 4.49 -11.56 -13.26
N ILE B 13 4.39 -12.89 -13.15
CA ILE B 13 5.21 -13.71 -14.02
C ILE B 13 4.69 -13.69 -15.47
N SER B 14 3.37 -13.57 -15.66
CA SER B 14 2.83 -13.37 -17.01
C SER B 14 3.42 -12.13 -17.68
N GLY B 15 3.28 -10.97 -17.03
CA GLY B 15 3.75 -9.74 -17.64
C GLY B 15 5.24 -9.77 -17.91
N LEU B 16 6.03 -10.09 -16.89
CA LEU B 16 7.47 -10.02 -17.09
C LEU B 16 7.97 -11.05 -18.07
N THR B 17 7.21 -12.13 -18.31
CA THR B 17 7.57 -13.07 -19.37
C THR B 17 7.16 -12.51 -20.73
N CYS B 18 6.01 -11.83 -20.82
CA CYS B 18 5.71 -11.14 -22.07
C CYS B 18 6.78 -10.10 -22.36
N ALA B 19 7.28 -9.45 -21.32
CA ALA B 19 8.35 -8.47 -21.56
C ALA B 19 9.60 -9.18 -22.04
N SER B 20 9.90 -10.35 -21.47
CA SER B 20 11.14 -11.05 -21.80
C SER B 20 11.13 -11.50 -23.26
N HIS B 21 10.00 -12.03 -23.73
CA HIS B 21 9.91 -12.49 -25.11
C HIS B 21 10.06 -11.33 -26.09
N LEU B 22 9.27 -10.30 -25.93
CA LEU B 22 9.29 -9.24 -26.89
C LEU B 22 10.64 -8.64 -27.03
N LEU B 23 11.35 -8.50 -25.94
CA LEU B 23 12.64 -7.87 -26.01
C LEU B 23 13.61 -8.60 -26.87
N ASP B 24 13.64 -9.91 -26.82
CA ASP B 24 14.56 -10.64 -27.67
C ASP B 24 14.32 -10.58 -29.19
N SER B 25 13.08 -10.59 -29.64
CA SER B 25 12.82 -10.54 -31.07
C SER B 25 13.32 -9.24 -31.68
N PRO B 26 14.02 -9.28 -32.81
CA PRO B 26 14.53 -8.04 -33.39
C PRO B 26 13.47 -7.25 -34.13
N ALA B 27 12.25 -7.79 -34.26
CA ALA B 27 11.05 -7.02 -34.54
C ALA B 27 10.84 -5.87 -33.57
N CYS B 28 11.55 -5.84 -32.44
CA CYS B 28 11.40 -4.82 -31.41
C CYS B 28 12.70 -4.06 -31.14
N ARG B 29 13.65 -4.08 -32.08
CA ARG B 29 14.84 -3.27 -31.87
C ARG B 29 14.45 -1.79 -31.87
N GLY B 30 14.98 -1.07 -30.89
CA GLY B 30 14.69 0.35 -30.81
C GLY B 30 13.23 0.70 -30.57
N LEU B 31 12.45 -0.24 -30.06
CA LEU B 31 11.08 0.07 -29.65
C LEU B 31 11.04 0.28 -28.15
N SER B 32 10.05 1.06 -27.71
CA SER B 32 9.98 1.53 -26.32
C SER B 32 9.00 0.67 -25.53
N LEU B 33 9.47 0.12 -24.41
CA LEU B 33 8.69 -0.77 -23.57
C LEU B 33 8.51 -0.15 -22.18
N ARG B 34 7.25 0.10 -21.80
CA ARG B 34 6.92 0.52 -20.45
C ARG B 34 6.07 -0.54 -19.77
N ILE B 35 6.46 -0.91 -18.54
CA ILE B 35 5.71 -1.84 -17.70
C ILE B 35 5.14 -1.06 -16.51
N PHE B 36 3.83 -1.16 -16.29
CA PHE B 36 3.15 -0.61 -15.12
C PHE B 36 2.69 -1.73 -14.18
N ASP B 37 2.85 -1.53 -12.89
CA ASP B 37 2.22 -2.42 -11.92
C ASP B 37 1.69 -1.61 -10.76
N MET B 38 0.51 -2.00 -10.32
CA MET B 38 -0.19 -1.34 -9.23
C MET B 38 0.55 -1.47 -7.90
N GLN B 39 1.32 -2.52 -7.70
CA GLN B 39 2.06 -2.68 -6.46
C GLN B 39 3.42 -2.01 -6.58
N GLN B 40 4.16 -1.96 -5.48
CA GLN B 40 5.46 -1.30 -5.41
C GLN B 40 6.61 -2.23 -5.73
N GLU B 41 6.34 -3.51 -5.90
CA GLU B 41 7.36 -4.47 -6.29
C GLU B 41 6.72 -5.49 -7.22
N ALA B 42 7.53 -6.01 -8.14
CA ALA B 42 7.01 -7.00 -9.07
C ALA B 42 6.84 -8.35 -8.36
N GLY B 43 6.12 -9.25 -9.01
CA GLY B 43 5.83 -10.54 -8.44
C GLY B 43 4.36 -10.90 -8.53
N GLY B 44 3.49 -9.94 -8.30
CA GLY B 44 2.07 -10.27 -8.20
C GLY B 44 1.84 -11.29 -7.07
N ARG B 45 1.27 -12.44 -7.42
CA ARG B 45 0.99 -13.50 -6.47
C ARG B 45 2.19 -14.38 -6.16
N ILE B 46 3.38 -14.06 -6.66
CA ILE B 46 4.62 -14.59 -6.11
C ILE B 46 5.17 -13.56 -5.14
N ARG B 47 5.42 -13.98 -3.91
CA ARG B 47 5.69 -13.03 -2.85
C ARG B 47 6.49 -13.79 -1.80
N SER B 48 7.81 -13.64 -1.83
CA SER B 48 8.70 -14.26 -0.86
C SER B 48 9.06 -13.25 0.23
N LYS B 49 9.08 -13.71 1.48
CA LYS B 49 9.41 -12.87 2.63
C LYS B 49 10.39 -13.62 3.52
N MET B 50 11.28 -12.87 4.17
CA MET B 50 12.12 -13.40 5.26
C MET B 50 11.37 -13.21 6.57
N LEU B 51 11.02 -14.32 7.24
CA LEU B 51 10.35 -14.29 8.53
C LEU B 51 11.37 -14.44 9.65
N ASP B 52 11.35 -13.50 10.61
CA ASP B 52 12.29 -13.42 11.72
C ASP B 52 13.70 -13.09 11.22
N GLY B 53 13.92 -13.17 9.90
CA GLY B 53 15.24 -13.12 9.31
C GLY B 53 15.93 -14.46 9.20
N LYS B 54 15.40 -15.49 9.87
CA LYS B 54 16.04 -16.80 9.96
C LYS B 54 15.73 -17.68 8.75
N ALA B 55 14.56 -17.48 8.12
CA ALA B 55 14.07 -18.40 7.10
C ALA B 55 13.47 -17.64 5.93
N SER B 56 13.17 -18.39 4.86
CA SER B 56 12.51 -17.90 3.64
C SER B 56 11.20 -18.66 3.44
N ILE B 57 10.10 -17.91 3.33
CA ILE B 57 8.74 -18.46 3.21
C ILE B 57 8.11 -17.95 1.92
N GLU B 58 7.06 -18.64 1.48
CA GLU B 58 6.32 -18.27 0.27
C GLU B 58 4.89 -17.93 0.66
N LEU B 59 4.57 -16.64 0.63
CA LEU B 59 3.24 -16.17 0.99
C LEU B 59 2.22 -16.43 -0.11
N GLY B 60 2.66 -16.40 -1.36
CA GLY B 60 1.86 -16.84 -2.49
C GLY B 60 2.35 -18.18 -3.00
N ALA B 61 2.74 -18.23 -4.28
CA ALA B 61 3.09 -19.49 -4.95
C ALA B 61 4.24 -20.20 -4.25
N GLY B 62 4.15 -21.52 -4.16
CA GLY B 62 5.06 -22.22 -3.28
C GLY B 62 5.84 -23.39 -3.85
N ARG B 63 5.23 -24.15 -4.75
CA ARG B 63 5.83 -25.40 -5.20
C ARG B 63 5.62 -25.54 -6.70
N TYR B 64 6.44 -26.38 -7.34
CA TYR B 64 6.24 -26.73 -8.74
C TYR B 64 6.73 -28.14 -8.95
N SER B 65 6.33 -28.70 -10.09
CA SER B 65 6.57 -30.09 -10.46
C SER B 65 7.13 -30.16 -11.87
N PRO B 66 8.18 -30.95 -12.11
CA PRO B 66 8.71 -31.04 -13.47
C PRO B 66 7.76 -31.78 -14.37
N GLN B 67 6.93 -32.66 -13.82
CA GLN B 67 5.93 -33.30 -14.65
C GLN B 67 4.94 -32.28 -15.18
N LEU B 68 4.38 -31.46 -14.29
CA LEU B 68 3.28 -30.58 -14.66
C LEU B 68 3.73 -29.21 -15.13
N HIS B 69 4.95 -28.79 -14.76
CA HIS B 69 5.39 -27.41 -15.02
C HIS B 69 6.78 -27.35 -15.67
N PRO B 70 6.97 -28.07 -16.78
CA PRO B 70 8.29 -28.05 -17.43
C PRO B 70 8.72 -26.68 -17.91
N HIS B 71 7.79 -25.85 -18.37
CA HIS B 71 8.21 -24.50 -18.75
C HIS B 71 8.66 -23.68 -17.54
N PHE B 72 8.05 -23.88 -16.37
CA PHE B 72 8.55 -23.20 -15.18
C PHE B 72 9.92 -23.73 -14.78
N GLN B 73 10.10 -25.05 -14.79
CA GLN B 73 11.40 -25.62 -14.41
C GLN B 73 12.51 -25.14 -15.35
N SER B 74 12.19 -24.98 -16.63
CA SER B 74 13.20 -24.48 -17.57
C SER B 74 13.56 -23.06 -17.21
N ALA B 75 12.54 -22.24 -16.89
CA ALA B 75 12.77 -20.90 -16.38
C ALA B 75 13.70 -20.89 -15.17
N MET B 76 13.39 -21.69 -14.14
CA MET B 76 14.24 -21.69 -12.96
C MET B 76 15.66 -22.06 -13.32
N GLN B 77 15.82 -23.00 -14.26
CA GLN B 77 17.15 -23.34 -14.73
C GLN B 77 17.79 -22.15 -15.45
N HIS B 78 17.08 -21.54 -16.40
CA HIS B 78 17.67 -20.49 -17.25
CA HIS B 78 17.74 -20.54 -17.24
C HIS B 78 18.18 -19.31 -16.44
N TYR B 79 17.59 -19.07 -15.27
CA TYR B 79 18.00 -17.94 -14.44
C TYR B 79 18.81 -18.42 -13.24
N SER B 80 19.33 -19.63 -13.32
CA SER B 80 20.24 -20.18 -12.32
C SER B 80 19.64 -20.16 -10.90
N GLN B 81 18.32 -20.18 -10.80
CA GLN B 81 17.68 -20.32 -9.49
C GLN B 81 17.77 -21.77 -9.05
N LYS B 82 18.29 -21.99 -7.84
CA LYS B 82 18.43 -23.33 -7.29
C LYS B 82 17.13 -23.80 -6.65
N SER B 83 16.70 -25.01 -7.02
CA SER B 83 15.52 -25.69 -6.47
C SER B 83 15.89 -26.62 -5.33
N GLU B 84 14.89 -26.92 -4.49
CA GLU B 84 15.02 -27.93 -3.44
C GLU B 84 13.82 -28.87 -3.46
N VAL B 85 13.96 -30.01 -2.80
CA VAL B 85 12.92 -31.02 -2.81
C VAL B 85 11.78 -30.63 -1.88
N TYR B 86 10.55 -30.90 -2.31
CA TYR B 86 9.37 -30.48 -1.59
C TYR B 86 8.76 -31.69 -0.90
N PRO B 87 8.81 -31.76 0.43
CA PRO B 87 8.53 -33.04 1.12
C PRO B 87 7.05 -33.39 1.23
N PHE B 88 6.15 -32.47 0.91
CA PHE B 88 4.76 -32.58 1.35
C PHE B 88 3.93 -33.34 0.32
N THR B 89 4.42 -34.55 0.01
CA THR B 89 3.87 -35.33 -1.08
C THR B 89 3.14 -36.59 -0.63
N GLN B 90 3.27 -36.99 0.63
CA GLN B 90 2.47 -38.07 1.19
C GLN B 90 1.93 -37.67 2.55
N LEU B 91 0.73 -38.13 2.85
CA LEU B 91 0.16 -38.05 4.20
C LEU B 91 0.62 -39.26 5.01
N LYS B 92 1.47 -39.03 6.03
CA LYS B 92 1.89 -40.13 6.89
C LYS B 92 0.70 -40.73 7.63
N PHE B 93 -0.26 -39.91 8.04
CA PHE B 93 -1.34 -40.27 8.97
C PHE B 93 -2.70 -40.48 8.31
N LYS B 94 -2.76 -41.13 7.13
CA LYS B 94 -4.04 -41.33 6.43
C LYS B 94 -5.09 -41.89 7.38
N SER B 95 -6.16 -41.13 7.59
CA SER B 95 -7.27 -41.59 8.40
C SER B 95 -8.06 -42.68 7.67
N HIS B 96 -9.13 -43.16 8.33
CA HIS B 96 -9.95 -44.21 7.75
C HIS B 96 -10.46 -43.82 6.37
N VAL B 97 -10.92 -42.57 6.23
CA VAL B 97 -11.49 -42.13 4.98
C VAL B 97 -10.41 -41.88 3.94
N GLN B 98 -9.27 -41.33 4.37
CA GLN B 98 -8.15 -41.15 3.44
C GLN B 98 -7.66 -42.49 2.94
N GLN B 99 -7.68 -43.51 3.80
CA GLN B 99 -7.50 -44.88 3.36
C GLN B 99 -8.48 -45.21 2.24
N LYS B 100 -9.79 -45.18 2.56
CA LYS B 100 -10.83 -45.49 1.58
C LYS B 100 -10.79 -44.57 0.37
N LEU B 101 -10.32 -43.33 0.53
CA LEU B 101 -10.39 -42.36 -0.57
C LEU B 101 -9.75 -42.92 -1.84
N LYS B 102 -8.56 -43.51 -1.70
CA LYS B 102 -7.81 -43.97 -2.87
C LYS B 102 -8.67 -44.88 -3.74
N ARG B 103 -9.14 -46.00 -3.16
CA ARG B 103 -10.01 -46.93 -3.89
C ARG B 103 -11.31 -46.24 -4.32
N ALA B 104 -11.88 -45.41 -3.46
CA ALA B 104 -13.19 -44.86 -3.73
C ALA B 104 -13.22 -43.96 -4.97
N MET B 105 -12.09 -43.70 -5.62
CA MET B 105 -12.13 -42.85 -6.80
C MET B 105 -11.71 -43.55 -8.09
N ASN B 106 -10.87 -44.58 -8.01
CA ASN B 106 -10.61 -45.41 -9.18
C ASN B 106 -11.87 -46.07 -9.70
N GLU B 107 -12.94 -46.09 -8.89
CA GLU B 107 -14.12 -46.88 -9.16
C GLU B 107 -15.29 -46.10 -9.77
N LEU B 108 -15.38 -44.79 -9.54
CA LEU B 108 -16.35 -43.96 -10.26
C LEU B 108 -15.75 -43.32 -11.50
N SER B 109 -14.44 -43.46 -11.69
CA SER B 109 -13.76 -43.13 -12.94
C SER B 109 -14.57 -43.43 -14.20
N PRO B 110 -15.20 -44.61 -14.36
CA PRO B 110 -16.06 -44.81 -15.54
C PRO B 110 -17.16 -43.77 -15.68
N ARG B 111 -17.92 -43.50 -14.60
CA ARG B 111 -19.20 -42.80 -14.72
C ARG B 111 -19.00 -41.32 -15.05
N LEU B 112 -17.74 -40.94 -15.33
CA LEU B 112 -17.44 -39.56 -15.68
C LEU B 112 -17.74 -39.26 -17.14
N LYS B 113 -17.82 -40.28 -17.98
CA LYS B 113 -18.40 -40.06 -19.30
C LYS B 113 -19.88 -39.72 -19.19
N GLU B 114 -20.60 -40.46 -18.34
CA GLU B 114 -22.06 -40.34 -18.29
C GLU B 114 -22.48 -39.03 -17.64
N HIS B 115 -22.01 -38.79 -16.39
CA HIS B 115 -22.40 -37.66 -15.55
C HIS B 115 -21.20 -36.86 -15.05
N GLY B 116 -20.12 -36.76 -15.81
CA GLY B 116 -18.93 -36.11 -15.28
C GLY B 116 -18.99 -34.61 -15.22
N LYS B 117 -20.06 -34.00 -15.71
CA LYS B 117 -20.24 -32.56 -15.65
C LYS B 117 -21.14 -32.12 -14.49
N GLU B 118 -21.55 -33.06 -13.63
CA GLU B 118 -22.20 -32.72 -12.37
C GLU B 118 -21.20 -31.98 -11.46
N SER B 119 -21.69 -31.45 -10.34
CA SER B 119 -20.75 -30.94 -9.36
C SER B 119 -20.03 -32.12 -8.71
N PHE B 120 -18.82 -31.87 -8.20
CA PHE B 120 -18.05 -32.97 -7.64
C PHE B 120 -18.81 -33.64 -6.49
N LEU B 121 -19.60 -32.87 -5.74
CA LEU B 121 -20.29 -33.43 -4.58
C LEU B 121 -21.59 -34.12 -5.03
N GLN B 122 -22.32 -33.52 -5.97
CA GLN B 122 -23.40 -34.21 -6.67
C GLN B 122 -22.94 -35.57 -7.15
N PHE B 123 -21.81 -35.61 -7.86
CA PHE B 123 -21.19 -36.85 -8.34
C PHE B 123 -21.07 -37.86 -7.22
N VAL B 124 -20.13 -37.62 -6.29
CA VAL B 124 -19.78 -38.60 -5.25
C VAL B 124 -20.96 -38.99 -4.37
N SER B 125 -22.00 -38.14 -4.28
CA SER B 125 -23.16 -38.46 -3.46
C SER B 125 -23.90 -39.70 -3.94
N ARG B 126 -23.51 -40.27 -5.08
CA ARG B 126 -24.11 -41.49 -5.61
C ARG B 126 -23.39 -42.76 -5.19
N TYR B 127 -22.11 -42.67 -4.83
CA TYR B 127 -21.37 -43.84 -4.35
C TYR B 127 -21.94 -44.30 -3.02
N GLN B 128 -21.64 -43.56 -1.96
CA GLN B 128 -22.46 -43.64 -0.78
C GLN B 128 -23.25 -42.34 -0.69
N GLY B 129 -23.90 -42.12 0.45
CA GLY B 129 -24.85 -41.03 0.52
C GLY B 129 -24.18 -39.68 0.45
N HIS B 130 -25.00 -38.65 0.68
CA HIS B 130 -24.45 -37.31 0.88
C HIS B 130 -23.42 -37.32 2.00
N ASP B 131 -23.74 -38.00 3.11
CA ASP B 131 -22.93 -37.89 4.32
C ASP B 131 -21.60 -38.63 4.22
N SER B 132 -21.47 -39.60 3.34
CA SER B 132 -20.17 -40.20 3.12
C SER B 132 -19.36 -39.46 2.08
N ALA B 133 -20.02 -38.89 1.07
CA ALA B 133 -19.34 -38.03 0.12
C ALA B 133 -18.64 -36.88 0.83
N VAL B 134 -19.30 -36.28 1.83
CA VAL B 134 -18.72 -35.13 2.50
C VAL B 134 -17.49 -35.54 3.30
N GLY B 135 -17.60 -36.60 4.08
CA GLY B 135 -16.44 -37.08 4.79
C GLY B 135 -15.29 -37.38 3.86
N MET B 136 -15.58 -37.89 2.66
CA MET B 136 -14.51 -38.17 1.73
C MET B 136 -13.91 -36.88 1.21
N ILE B 137 -14.76 -35.93 0.80
CA ILE B 137 -14.23 -34.71 0.21
C ILE B 137 -13.54 -33.85 1.26
N ARG B 138 -14.16 -33.71 2.45
CA ARG B 138 -13.52 -32.99 3.54
C ARG B 138 -12.10 -33.50 3.79
N SER B 139 -11.92 -34.82 3.79
CA SER B 139 -10.63 -35.44 4.08
C SER B 139 -9.54 -35.10 3.07
N MET B 140 -9.85 -34.36 2.01
CA MET B 140 -8.80 -34.06 1.06
C MET B 140 -8.20 -32.68 1.26
N GLY B 141 -8.84 -31.80 2.05
CA GLY B 141 -8.23 -30.60 2.54
C GLY B 141 -8.49 -29.36 1.73
N TYR B 142 -9.00 -29.48 0.52
CA TYR B 142 -9.23 -28.34 -0.37
C TYR B 142 -10.74 -28.12 -0.48
N ASP B 143 -11.22 -27.04 0.14
CA ASP B 143 -12.66 -26.89 0.28
C ASP B 143 -13.31 -26.53 -1.04
N ALA B 144 -12.56 -25.93 -1.97
CA ALA B 144 -13.13 -25.59 -3.26
C ALA B 144 -13.83 -26.78 -3.89
N LEU B 145 -13.45 -28.00 -3.50
CA LEU B 145 -14.09 -29.20 -4.00
C LEU B 145 -15.56 -29.29 -3.63
N PHE B 146 -16.07 -28.42 -2.75
CA PHE B 146 -17.48 -28.40 -2.41
C PHE B 146 -18.30 -27.41 -3.21
N LEU B 147 -17.66 -26.60 -4.06
CA LEU B 147 -18.39 -25.60 -4.80
C LEU B 147 -19.25 -26.24 -5.88
N PRO B 148 -20.30 -25.53 -6.34
CA PRO B 148 -21.09 -26.01 -7.48
C PRO B 148 -20.43 -25.76 -8.83
N ASP B 149 -19.73 -24.63 -8.99
CA ASP B 149 -19.06 -24.36 -10.26
C ASP B 149 -17.76 -25.16 -10.43
N ILE B 150 -17.53 -26.17 -9.58
CA ILE B 150 -16.43 -27.13 -9.69
C ILE B 150 -17.04 -28.45 -10.17
N SER B 151 -16.96 -28.68 -11.47
CA SER B 151 -17.45 -29.90 -12.09
C SER B 151 -16.75 -31.12 -11.49
N ALA B 152 -17.37 -32.28 -11.65
CA ALA B 152 -16.72 -33.51 -11.20
C ALA B 152 -15.53 -33.89 -12.06
N GLU B 153 -15.46 -33.39 -13.30
CA GLU B 153 -14.28 -33.54 -14.14
C GLU B 153 -13.16 -32.60 -13.67
N MET B 154 -13.49 -31.34 -13.42
CA MET B 154 -12.51 -30.41 -12.85
C MET B 154 -11.94 -30.94 -11.54
N ALA B 155 -12.73 -31.72 -10.80
CA ALA B 155 -12.31 -32.16 -9.47
C ALA B 155 -11.28 -33.28 -9.52
N TYR B 156 -11.54 -34.31 -10.35
CA TYR B 156 -10.54 -35.36 -10.51
C TYR B 156 -9.22 -34.78 -11.02
N ASP B 157 -9.27 -33.66 -11.73
CA ASP B 157 -8.05 -33.00 -12.18
C ASP B 157 -7.33 -32.33 -11.02
N ILE B 158 -8.03 -31.42 -10.32
CA ILE B 158 -7.44 -30.69 -9.20
C ILE B 158 -6.73 -31.61 -8.20
N VAL B 159 -7.35 -32.73 -7.83
CA VAL B 159 -6.67 -33.53 -6.82
C VAL B 159 -5.48 -34.24 -7.43
N GLY B 160 -5.52 -34.57 -8.71
CA GLY B 160 -4.37 -35.16 -9.36
C GLY B 160 -3.19 -34.23 -9.48
N LYS B 161 -3.43 -32.94 -9.35
CA LYS B 161 -2.38 -31.93 -9.52
C LYS B 161 -2.00 -31.27 -8.20
N HIS B 162 -2.32 -31.89 -7.07
CA HIS B 162 -1.87 -31.28 -5.85
C HIS B 162 -1.03 -32.28 -5.06
N PRO B 163 0.13 -31.85 -4.59
CA PRO B 163 1.09 -32.81 -4.03
C PRO B 163 0.55 -33.60 -2.87
N GLU B 164 -0.23 -32.97 -1.99
CA GLU B 164 -0.69 -33.65 -0.78
C GLU B 164 -1.68 -34.77 -1.06
N ILE B 165 -2.34 -34.76 -2.22
CA ILE B 165 -3.42 -35.72 -2.43
C ILE B 165 -3.25 -36.45 -3.74
N GLN B 166 -2.12 -36.22 -4.42
CA GLN B 166 -1.95 -36.80 -5.75
C GLN B 166 -1.91 -38.33 -5.71
N SER B 167 -1.51 -38.90 -4.58
CA SER B 167 -1.47 -40.35 -4.44
C SER B 167 -2.83 -41.02 -4.59
N VAL B 168 -3.92 -40.25 -4.58
CA VAL B 168 -5.26 -40.82 -4.69
C VAL B 168 -5.67 -41.04 -6.14
N THR B 169 -4.91 -40.48 -7.09
CA THR B 169 -5.10 -40.72 -8.51
C THR B 169 -3.86 -41.40 -9.08
N ASP B 170 -3.90 -41.64 -10.38
CA ASP B 170 -2.76 -42.27 -11.03
C ASP B 170 -1.75 -41.19 -11.40
N ASN B 171 -1.76 -40.08 -10.66
CA ASN B 171 -0.71 -39.07 -10.75
C ASN B 171 0.26 -39.16 -9.57
N ASP B 172 0.32 -40.31 -8.91
CA ASP B 172 1.11 -40.46 -7.70
C ASP B 172 2.62 -40.49 -7.94
N ALA B 173 3.11 -40.33 -9.17
CA ALA B 173 4.55 -40.41 -9.44
C ALA B 173 5.16 -39.06 -9.78
N ASN B 174 4.48 -37.97 -9.44
CA ASN B 174 4.97 -36.66 -9.80
C ASN B 174 5.86 -36.10 -8.69
N GLN B 175 7.01 -35.56 -9.08
CA GLN B 175 7.93 -34.93 -8.16
C GLN B 175 7.58 -33.47 -7.98
N TRP B 176 7.93 -32.92 -6.81
CA TRP B 176 7.62 -31.54 -6.46
C TRP B 176 8.84 -30.87 -5.85
N PHE B 177 9.03 -29.60 -6.20
CA PHE B 177 10.17 -28.80 -5.81
C PHE B 177 9.71 -27.42 -5.35
N ALA B 178 10.49 -26.84 -4.44
CA ALA B 178 10.36 -25.45 -4.07
C ALA B 178 11.67 -24.73 -4.34
N ALA B 179 11.64 -23.40 -4.23
CA ALA B 179 12.85 -22.59 -4.43
C ALA B 179 13.63 -22.50 -3.15
N GLU B 180 14.96 -22.53 -3.25
CA GLU B 180 15.82 -22.34 -2.09
C GLU B 180 15.61 -20.97 -1.51
N THR B 181 16.01 -19.97 -2.30
CA THR B 181 15.94 -18.58 -1.89
C THR B 181 14.55 -17.98 -2.03
N GLY B 182 13.59 -18.73 -2.56
CA GLY B 182 12.27 -18.20 -2.82
C GLY B 182 12.07 -17.78 -4.28
N PHE B 183 10.82 -17.89 -4.72
CA PHE B 183 10.51 -17.56 -6.12
C PHE B 183 10.76 -16.11 -6.44
N ALA B 184 10.69 -15.22 -5.45
CA ALA B 184 11.03 -13.83 -5.77
C ALA B 184 12.41 -13.74 -6.43
N GLY B 185 13.27 -14.74 -6.19
CA GLY B 185 14.55 -14.76 -6.85
C GLY B 185 14.42 -14.88 -8.35
N LEU B 186 13.51 -15.74 -8.82
CA LEU B 186 13.20 -15.79 -10.23
C LEU B 186 12.66 -14.46 -10.72
N ILE B 187 11.68 -13.90 -10.00
CA ILE B 187 11.10 -12.63 -10.40
C ILE B 187 12.19 -11.56 -10.54
N GLN B 188 13.14 -11.53 -9.62
CA GLN B 188 14.17 -10.50 -9.74
C GLN B 188 14.99 -10.73 -11.00
N GLY B 189 15.35 -11.98 -11.26
CA GLY B 189 16.16 -12.29 -12.43
C GLY B 189 15.51 -11.81 -13.71
N ILE B 190 14.25 -12.13 -13.89
CA ILE B 190 13.55 -11.68 -15.09
C ILE B 190 13.51 -10.16 -15.13
N LYS B 191 13.10 -9.54 -14.00
CA LYS B 191 13.08 -8.09 -13.88
C LYS B 191 14.40 -7.49 -14.32
N ALA B 192 15.50 -7.97 -13.73
CA ALA B 192 16.81 -7.40 -14.03
C ALA B 192 17.16 -7.54 -15.50
N LYS B 193 16.84 -8.69 -16.10
CA LYS B 193 17.19 -8.92 -17.50
C LYS B 193 16.31 -8.08 -18.42
N VAL B 194 15.03 -7.95 -18.08
CA VAL B 194 14.16 -7.04 -18.82
C VAL B 194 14.60 -5.59 -18.64
N LYS B 195 15.06 -5.23 -17.45
CA LYS B 195 15.52 -3.86 -17.23
C LYS B 195 16.73 -3.56 -18.10
N ALA B 196 17.72 -4.44 -18.10
CA ALA B 196 18.92 -4.19 -18.89
C ALA B 196 18.64 -4.19 -20.40
N ALA B 197 17.63 -4.95 -20.84
CA ALA B 197 17.20 -4.76 -22.22
C ALA B 197 16.51 -3.42 -22.43
N GLY B 198 16.36 -2.60 -21.40
CA GLY B 198 15.86 -1.25 -21.57
C GLY B 198 14.36 -1.07 -21.45
N ALA B 199 13.64 -2.04 -20.92
CA ALA B 199 12.27 -1.74 -20.53
C ALA B 199 12.29 -0.80 -19.33
N ARG B 200 11.28 0.04 -19.23
CA ARG B 200 11.20 0.98 -18.12
C ARG B 200 10.03 0.61 -17.22
N PHE B 201 10.31 0.48 -15.94
CA PHE B 201 9.32 0.11 -14.95
C PHE B 201 8.76 1.33 -14.24
N SER B 202 7.43 1.43 -14.23
CA SER B 202 6.70 2.35 -13.35
C SER B 202 5.90 1.51 -12.36
N LEU B 203 6.56 1.06 -11.30
CA LEU B 203 5.86 0.34 -10.24
C LEU B 203 5.11 1.32 -9.33
N GLY B 204 4.02 0.85 -8.76
CA GLY B 204 3.20 1.66 -7.89
C GLY B 204 2.13 2.48 -8.59
N TYR B 205 1.87 2.21 -9.87
CA TYR B 205 0.82 2.91 -10.61
C TYR B 205 -0.25 1.91 -11.01
N ARG B 206 -1.49 2.34 -10.98
CA ARG B 206 -2.58 1.41 -11.24
C ARG B 206 -3.47 1.95 -12.36
N LEU B 207 -3.69 1.11 -13.36
CA LEU B 207 -4.55 1.46 -14.48
C LEU B 207 -6.01 1.56 -14.07
N LEU B 208 -6.72 2.57 -14.60
CA LEU B 208 -8.13 2.79 -14.32
C LEU B 208 -9.04 2.72 -15.54
N SER B 209 -8.57 3.24 -16.67
CA SER B 209 -9.40 3.22 -17.87
C SER B 209 -8.48 3.19 -19.08
N VAL B 210 -9.02 2.68 -20.18
CA VAL B 210 -8.29 2.66 -21.44
C VAL B 210 -9.24 3.15 -22.52
N ARG B 211 -8.72 3.97 -23.43
CA ARG B 211 -9.46 4.38 -24.60
C ARG B 211 -8.52 4.39 -25.80
N THR B 212 -9.11 4.14 -26.95
CA THR B 212 -8.37 4.17 -28.21
C THR B 212 -8.33 5.58 -28.75
N ASP B 213 -7.13 6.02 -29.15
CA ASP B 213 -6.98 7.23 -29.97
C ASP B 213 -6.21 6.83 -31.22
N GLY B 214 -6.97 6.42 -32.24
CA GLY B 214 -6.42 6.17 -33.56
C GLY B 214 -5.47 4.99 -33.67
N ASP B 215 -4.20 5.28 -33.94
CA ASP B 215 -3.23 4.22 -34.15
C ASP B 215 -2.81 3.52 -32.87
N GLY B 216 -3.12 4.10 -31.70
CA GLY B 216 -2.69 3.54 -30.43
C GLY B 216 -3.72 3.53 -29.31
N TYR B 217 -3.25 3.66 -28.08
CA TYR B 217 -4.11 3.59 -26.89
C TYR B 217 -3.67 4.65 -25.90
N LEU B 218 -4.59 5.01 -25.03
CA LEU B 218 -4.38 6.12 -24.10
C LEU B 218 -4.85 5.71 -22.72
N LEU B 219 -3.90 5.56 -21.78
CA LEU B 219 -4.14 4.93 -20.49
C LEU B 219 -4.27 5.98 -19.39
N GLN B 220 -5.29 5.83 -18.54
CA GLN B 220 -5.46 6.63 -17.34
C GLN B 220 -4.99 5.80 -16.14
N LEU B 221 -3.89 6.21 -15.52
CA LEU B 221 -3.37 5.57 -14.32
C LEU B 221 -3.47 6.52 -13.13
N ALA B 222 -3.45 5.93 -11.94
CA ALA B 222 -3.45 6.72 -10.70
C ALA B 222 -2.42 6.11 -9.78
N GLY B 223 -1.35 6.85 -9.50
CA GLY B 223 -0.31 6.37 -8.63
C GLY B 223 -0.82 6.15 -7.21
N ASP B 224 -0.01 5.49 -6.41
CA ASP B 224 -0.52 5.14 -5.10
C ASP B 224 -0.39 6.29 -4.08
N ASP B 225 0.32 7.38 -4.41
CA ASP B 225 0.29 8.59 -3.63
C ASP B 225 -0.74 9.59 -4.11
N GLY B 226 -1.62 9.17 -5.04
CA GLY B 226 -2.71 9.96 -5.55
C GLY B 226 -2.48 10.58 -6.91
N TRP B 227 -1.21 10.73 -7.33
CA TRP B 227 -0.85 11.37 -8.59
C TRP B 227 -1.54 10.76 -9.79
N LYS B 228 -2.45 11.48 -10.45
CA LYS B 228 -2.99 10.98 -11.72
C LYS B 228 -1.96 11.11 -12.83
N LEU B 229 -2.18 10.39 -13.91
CA LEU B 229 -1.16 10.21 -14.93
CA LEU B 229 -1.15 10.18 -14.92
C LEU B 229 -1.78 9.55 -16.16
N GLU B 230 -1.25 9.90 -17.32
CA GLU B 230 -1.80 9.40 -18.56
C GLU B 230 -0.64 8.98 -19.47
N HIS B 231 -0.91 8.01 -20.34
CA HIS B 231 0.17 7.39 -21.11
C HIS B 231 -0.34 6.98 -22.49
N ARG B 232 0.27 7.55 -23.52
CA ARG B 232 -0.04 7.17 -24.89
C ARG B 232 0.88 6.02 -25.28
N THR B 233 0.29 4.93 -25.79
CA THR B 233 1.10 3.80 -26.20
C THR B 233 0.54 3.23 -27.49
N ARG B 234 1.42 2.61 -28.28
CA ARG B 234 1.01 2.03 -29.54
C ARG B 234 0.45 0.61 -29.39
N HIS B 235 1.02 -0.21 -28.49
CA HIS B 235 0.56 -1.59 -28.31
C HIS B 235 0.50 -1.94 -26.82
N LEU B 236 -0.57 -2.64 -26.40
CA LEU B 236 -0.86 -2.85 -24.99
C LEU B 236 -1.17 -4.31 -24.65
N ILE B 237 -0.46 -4.86 -23.67
CA ILE B 237 -0.80 -6.16 -23.09
C ILE B 237 -1.30 -5.94 -21.67
N LEU B 238 -2.47 -6.48 -21.36
CA LEU B 238 -3.04 -6.44 -20.02
C LEU B 238 -2.74 -7.77 -19.36
N ALA B 239 -1.59 -7.83 -18.70
CA ALA B 239 -1.08 -9.03 -18.04
C ALA B 239 -1.62 -9.15 -16.62
N ILE B 240 -2.95 -9.18 -16.52
CA ILE B 240 -3.60 -9.15 -15.22
C ILE B 240 -4.78 -10.10 -15.22
N PRO B 241 -5.12 -10.65 -14.06
CA PRO B 241 -6.11 -11.75 -14.02
C PRO B 241 -7.52 -11.24 -14.30
N PRO B 242 -8.43 -12.14 -14.67
CA PRO B 242 -9.80 -11.70 -15.02
C PRO B 242 -10.45 -10.79 -14.02
N SER B 243 -10.37 -11.10 -12.72
CA SER B 243 -10.94 -10.26 -11.67
C SER B 243 -10.53 -8.80 -11.85
N ALA B 244 -9.28 -8.57 -12.26
CA ALA B 244 -8.81 -7.21 -12.48
C ALA B 244 -9.34 -6.61 -13.78
N MET B 245 -9.58 -7.45 -14.79
CA MET B 245 -10.09 -6.98 -16.08
C MET B 245 -11.54 -6.52 -15.97
N ALA B 246 -12.29 -7.10 -15.03
CA ALA B 246 -13.68 -6.70 -14.85
C ALA B 246 -13.80 -5.22 -14.53
N GLY B 247 -12.84 -4.68 -13.78
CA GLY B 247 -12.92 -3.31 -13.32
C GLY B 247 -12.44 -2.23 -14.27
N LEU B 248 -12.70 -2.35 -15.57
CA LEU B 248 -12.29 -1.31 -16.51
C LEU B 248 -13.37 -1.17 -17.59
N ASN B 249 -13.16 -0.18 -18.47
CA ASN B 249 -14.07 0.11 -19.57
C ASN B 249 -13.78 -0.70 -20.80
N VAL B 250 -13.25 -1.91 -20.66
CA VAL B 250 -12.84 -2.72 -21.80
C VAL B 250 -13.87 -3.78 -22.14
N ASP B 251 -15.04 -3.75 -21.51
CA ASP B 251 -16.18 -4.60 -21.88
C ASP B 251 -15.84 -6.07 -21.69
N PHE B 252 -15.29 -6.39 -20.53
CA PHE B 252 -14.86 -7.74 -20.24
C PHE B 252 -15.91 -8.45 -19.37
N PRO B 253 -16.15 -9.76 -19.63
CA PRO B 253 -15.55 -10.69 -20.60
C PRO B 253 -16.17 -10.76 -22.00
N GLU B 254 -17.22 -9.99 -22.26
CA GLU B 254 -18.02 -10.17 -23.48
C GLU B 254 -17.19 -9.86 -24.73
N ALA B 255 -16.46 -8.77 -24.72
CA ALA B 255 -15.74 -8.41 -25.92
C ALA B 255 -14.51 -9.27 -26.15
N TRP B 256 -14.25 -10.25 -25.29
CA TRP B 256 -12.96 -10.91 -25.26
C TRP B 256 -13.06 -12.40 -25.51
N SER B 257 -14.02 -13.07 -24.88
CA SER B 257 -14.26 -14.48 -25.12
C SER B 257 -15.67 -14.80 -24.65
N GLY B 258 -16.10 -16.04 -24.90
CA GLY B 258 -17.41 -16.44 -24.44
C GLY B 258 -17.49 -16.70 -22.95
N ALA B 259 -16.35 -16.91 -22.30
CA ALA B 259 -16.32 -17.52 -20.98
C ALA B 259 -16.73 -16.55 -19.88
N ARG B 260 -17.32 -17.10 -18.82
CA ARG B 260 -17.40 -16.46 -17.51
C ARG B 260 -16.29 -17.02 -16.62
N TYR B 261 -15.90 -16.24 -15.62
CA TYR B 261 -14.80 -16.63 -14.76
C TYR B 261 -15.19 -16.55 -13.30
N GLY B 262 -14.42 -17.26 -12.47
CA GLY B 262 -14.56 -17.18 -11.03
C GLY B 262 -13.22 -17.22 -10.34
N SER B 263 -13.27 -17.06 -9.02
CA SER B 263 -12.06 -17.09 -8.22
C SER B 263 -12.40 -17.62 -6.85
N LEU B 264 -11.36 -18.01 -6.12
CA LEU B 264 -11.42 -18.42 -4.74
C LEU B 264 -10.44 -17.60 -3.93
N PRO B 265 -10.76 -17.34 -2.68
CA PRO B 265 -9.77 -16.78 -1.77
C PRO B 265 -8.89 -17.88 -1.21
N LEU B 266 -7.66 -17.48 -0.83
CA LEU B 266 -6.71 -18.36 -0.19
C LEU B 266 -6.15 -17.65 1.02
N PHE B 267 -5.78 -18.42 2.03
CA PHE B 267 -5.20 -17.89 3.25
C PHE B 267 -4.03 -18.77 3.62
N LYS B 268 -2.92 -18.15 3.98
CA LYS B 268 -1.79 -18.84 4.58
C LYS B 268 -1.41 -18.09 5.85
N GLY B 269 -1.10 -18.81 6.89
CA GLY B 269 -0.49 -18.22 8.07
C GLY B 269 0.69 -19.05 8.50
N PHE B 270 1.77 -18.37 8.88
CA PHE B 270 3.00 -19.02 9.28
C PHE B 270 3.28 -18.69 10.75
N LEU B 271 3.94 -19.61 11.46
CA LEU B 271 4.34 -19.35 12.83
C LEU B 271 5.73 -19.89 13.09
N THR B 272 6.55 -19.13 13.83
CA THR B 272 7.89 -19.53 14.23
CA THR B 272 7.88 -19.59 14.23
C THR B 272 7.95 -19.68 15.75
N TYR B 273 8.79 -20.60 16.21
CA TYR B 273 8.88 -20.89 17.64
C TYR B 273 10.31 -20.75 18.12
N GLY B 274 10.47 -20.75 19.44
CA GLY B 274 11.79 -20.74 20.05
C GLY B 274 12.42 -22.11 19.95
N GLU B 275 11.77 -23.05 20.45
CA GLU B 275 12.26 -24.40 20.21
C GLU B 275 11.38 -25.08 19.16
N PRO B 276 12.01 -26.00 18.16
CA PRO B 276 11.17 -26.71 17.18
C PRO B 276 10.52 -27.94 17.81
N TRP B 277 9.39 -27.70 18.49
CA TRP B 277 8.82 -28.69 19.40
C TRP B 277 8.20 -29.89 18.69
N TRP B 278 7.77 -29.75 17.44
CA TRP B 278 7.18 -30.85 16.69
C TRP B 278 8.20 -31.93 16.31
N LEU B 279 9.49 -31.76 16.60
CA LEU B 279 10.44 -32.83 16.34
C LEU B 279 10.21 -34.04 17.24
N ASP B 280 9.79 -33.82 18.50
CA ASP B 280 9.51 -34.96 19.38
C ASP B 280 8.47 -35.88 18.75
N TYR B 281 7.47 -35.30 18.09
CA TYR B 281 6.39 -36.05 17.48
C TYR B 281 6.74 -36.58 16.08
N LYS B 282 7.99 -36.42 15.65
CA LYS B 282 8.45 -36.96 14.37
C LYS B 282 7.66 -36.35 13.21
N LEU B 283 7.66 -35.02 13.17
CA LEU B 283 6.72 -34.32 12.32
C LEU B 283 7.35 -33.39 11.31
N ASP B 284 8.65 -33.10 11.42
CA ASP B 284 9.31 -32.28 10.43
C ASP B 284 9.08 -32.86 9.05
N ASP B 285 8.66 -32.01 8.12
CA ASP B 285 8.45 -32.38 6.72
C ASP B 285 7.21 -33.26 6.54
N GLN B 286 6.14 -33.00 7.31
CA GLN B 286 4.91 -33.77 7.22
C GLN B 286 3.71 -32.83 7.08
N VAL B 287 2.62 -33.37 6.54
CA VAL B 287 1.39 -32.63 6.31
C VAL B 287 0.28 -33.40 6.97
N LEU B 288 -0.44 -32.78 7.89
CA LEU B 288 -1.69 -33.35 8.33
C LEU B 288 -2.79 -32.66 7.57
N ILE B 289 -3.81 -33.43 7.19
CA ILE B 289 -5.01 -32.90 6.59
C ILE B 289 -6.11 -33.21 7.58
N VAL B 290 -6.72 -32.16 8.12
CA VAL B 290 -7.60 -32.31 9.27
C VAL B 290 -8.97 -31.74 8.94
N ASP B 291 -9.95 -32.14 9.73
CA ASP B 291 -11.30 -31.64 9.58
C ASP B 291 -11.52 -30.30 10.26
N ASN B 292 -10.63 -29.91 11.19
CA ASN B 292 -10.78 -28.62 11.87
C ASN B 292 -10.34 -27.49 10.96
N PRO B 293 -10.54 -26.24 11.39
CA PRO B 293 -10.31 -25.12 10.48
C PRO B 293 -8.92 -25.00 9.87
N LEU B 294 -7.83 -25.47 10.52
CA LEU B 294 -6.53 -25.31 9.88
C LEU B 294 -6.45 -26.09 8.57
N ARG B 295 -7.18 -27.19 8.49
CA ARG B 295 -7.37 -27.99 7.29
C ARG B 295 -6.09 -28.62 6.74
N LYS B 296 -5.03 -27.85 6.54
CA LYS B 296 -3.77 -28.43 6.04
C LYS B 296 -2.62 -27.82 6.84
N ILE B 297 -1.96 -28.61 7.66
CA ILE B 297 -0.91 -28.12 8.54
C ILE B 297 0.41 -28.70 8.07
N TYR B 298 1.44 -27.86 8.02
CA TYR B 298 2.71 -28.23 7.43
C TYR B 298 3.80 -27.90 8.43
N PHE B 299 4.79 -28.77 8.54
CA PHE B 299 5.92 -28.54 9.44
C PHE B 299 7.17 -28.57 8.59
N LYS B 300 7.73 -27.41 8.32
CA LYS B 300 8.93 -27.30 7.50
C LYS B 300 10.12 -27.50 8.42
N GLY B 301 10.68 -28.72 8.40
CA GLY B 301 11.94 -29.02 9.07
C GLY B 301 11.90 -28.62 10.51
N ASP B 302 12.97 -28.01 11.00
CA ASP B 302 12.97 -27.40 12.32
C ASP B 302 12.79 -25.88 12.27
N LYS B 303 12.20 -25.35 11.20
CA LYS B 303 12.20 -23.92 10.95
C LYS B 303 10.89 -23.23 11.31
N TYR B 304 9.76 -23.77 10.87
CA TYR B 304 8.47 -23.15 11.12
C TYR B 304 7.36 -24.15 10.79
N LEU B 305 6.13 -23.77 11.08
CA LEU B 305 4.96 -24.48 10.59
C LEU B 305 4.05 -23.46 9.94
N PHE B 306 3.13 -23.94 9.10
CA PHE B 306 2.11 -23.06 8.55
C PHE B 306 0.89 -23.88 8.18
N PHE B 307 -0.20 -23.19 7.92
CA PHE B 307 -1.39 -23.83 7.41
C PHE B 307 -1.90 -23.04 6.20
N TYR B 308 -2.89 -23.58 5.51
CA TYR B 308 -3.23 -23.14 4.17
C TYR B 308 -4.67 -23.56 3.92
N THR B 309 -5.55 -22.59 3.61
CA THR B 309 -6.97 -22.89 3.42
C THR B 309 -7.50 -22.07 2.26
N ASP B 310 -8.70 -22.40 1.83
CA ASP B 310 -9.33 -21.76 0.70
C ASP B 310 -10.81 -21.64 0.85
N SER B 311 -11.41 -20.84 0.00
CA SER B 311 -12.83 -20.63 0.00
C SER B 311 -13.35 -20.18 1.33
N GLU B 312 -14.39 -20.82 1.80
CA GLU B 312 -15.05 -20.44 3.01
C GLU B 312 -14.10 -20.50 4.14
N MET B 313 -13.28 -21.51 4.17
CA MET B 313 -12.31 -21.56 5.26
C MET B 313 -11.20 -20.51 5.16
N ALA B 314 -10.98 -19.87 4.00
CA ALA B 314 -10.04 -18.76 4.00
C ALA B 314 -10.69 -17.48 4.49
N ASN B 315 -11.96 -17.25 4.12
CA ASN B 315 -12.70 -16.10 4.62
C ASN B 315 -12.85 -16.19 6.14
N TYR B 316 -13.00 -17.40 6.64
CA TYR B 316 -13.21 -17.56 8.06
C TYR B 316 -11.98 -17.09 8.84
N TRP B 317 -10.79 -17.41 8.33
CA TRP B 317 -9.56 -16.96 8.96
C TRP B 317 -9.32 -15.48 8.72
N ARG B 318 -9.72 -14.97 7.55
CA ARG B 318 -9.57 -13.54 7.37
C ARG B 318 -10.50 -12.80 8.32
N GLY B 319 -11.66 -13.40 8.63
CA GLY B 319 -12.52 -12.82 9.64
C GLY B 319 -11.86 -12.83 11.02
N CYS B 320 -11.40 -14.01 11.45
CA CYS B 320 -10.79 -14.14 12.76
CA CYS B 320 -10.77 -14.16 12.76
C CYS B 320 -9.60 -13.19 12.93
N VAL B 321 -8.85 -12.95 11.86
CA VAL B 321 -7.67 -12.11 12.01
C VAL B 321 -8.13 -10.67 12.20
N ALA B 322 -9.26 -10.31 11.60
CA ALA B 322 -9.81 -8.97 11.73
C ALA B 322 -10.25 -8.70 13.16
N GLU B 323 -10.77 -9.73 13.84
CA GLU B 323 -11.20 -9.61 15.22
C GLU B 323 -10.01 -9.61 16.17
N GLY B 324 -8.88 -9.10 15.71
CA GLY B 324 -7.69 -8.99 16.52
C GLY B 324 -6.85 -10.25 16.50
N GLU B 325 -5.57 -10.08 16.81
CA GLU B 325 -4.57 -11.10 16.52
C GLU B 325 -4.39 -12.10 17.65
N ASP B 326 -4.84 -11.81 18.87
CA ASP B 326 -4.62 -12.73 19.96
C ASP B 326 -5.67 -13.85 19.98
N GLY B 327 -6.90 -13.56 19.58
CA GLY B 327 -7.87 -14.64 19.39
C GLY B 327 -7.58 -15.50 18.17
N TYR B 328 -6.96 -14.93 17.14
CA TYR B 328 -6.46 -15.73 16.01
C TYR B 328 -5.38 -16.68 16.47
N LEU B 329 -4.38 -16.17 17.19
CA LEU B 329 -3.34 -17.05 17.71
C LEU B 329 -3.92 -18.11 18.63
N GLU B 330 -4.92 -17.75 19.42
CA GLU B 330 -5.39 -18.75 20.37
C GLU B 330 -6.23 -19.82 19.69
N GLN B 331 -6.92 -19.50 18.60
CA GLN B 331 -7.64 -20.52 17.85
CA GLN B 331 -7.63 -20.52 17.84
C GLN B 331 -6.66 -21.48 17.17
N ILE B 332 -5.56 -20.94 16.63
CA ILE B 332 -4.54 -21.80 16.05
C ILE B 332 -4.04 -22.81 17.07
N ARG B 333 -3.75 -22.34 18.30
CA ARG B 333 -3.18 -23.22 19.32
C ARG B 333 -4.17 -24.32 19.68
N THR B 334 -5.44 -23.95 19.79
CA THR B 334 -6.49 -24.92 20.03
C THR B 334 -6.47 -26.03 18.99
N HIS B 335 -6.52 -25.65 17.70
CA HIS B 335 -6.67 -26.64 16.64
C HIS B 335 -5.39 -27.43 16.38
N LEU B 336 -4.21 -26.84 16.63
CA LEU B 336 -2.99 -27.64 16.56
C LEU B 336 -3.04 -28.78 17.56
N ALA B 337 -3.69 -28.54 18.70
CA ALA B 337 -3.83 -29.58 19.71
C ALA B 337 -4.75 -30.68 19.23
N SER B 338 -5.89 -30.34 18.62
CA SER B 338 -6.78 -31.41 18.15
C SER B 338 -6.09 -32.30 17.13
N ALA B 339 -5.30 -31.72 16.21
CA ALA B 339 -4.72 -32.52 15.15
C ALA B 339 -3.63 -33.45 15.68
N LEU B 340 -2.96 -33.06 16.76
CA LEU B 340 -1.91 -33.89 17.35
C LEU B 340 -2.41 -34.80 18.49
N GLY B 341 -3.72 -34.85 18.76
CA GLY B 341 -4.21 -35.53 19.93
C GLY B 341 -3.49 -35.19 21.24
N ILE B 342 -3.27 -33.91 21.51
CA ILE B 342 -2.67 -33.48 22.76
C ILE B 342 -3.50 -32.33 23.31
N VAL B 343 -3.03 -31.72 24.41
CA VAL B 343 -3.72 -30.62 25.08
C VAL B 343 -2.93 -29.32 24.91
N ARG B 344 -3.64 -28.20 24.77
CA ARG B 344 -3.00 -26.99 24.26
C ARG B 344 -1.81 -26.53 25.11
N GLU B 345 -1.71 -26.97 26.37
CA GLU B 345 -0.57 -26.57 27.19
C GLU B 345 0.76 -27.08 26.62
N ARG B 346 0.74 -28.18 25.86
CA ARG B 346 1.97 -28.75 25.28
CA ARG B 346 1.99 -28.70 25.32
C ARG B 346 2.39 -28.03 24.00
N ILE B 347 1.55 -27.12 23.49
CA ILE B 347 1.87 -26.29 22.33
C ILE B 347 2.41 -24.96 22.83
N PRO B 348 3.68 -24.64 22.59
CA PRO B 348 4.20 -23.35 23.05
C PRO B 348 3.47 -22.19 22.42
N GLN B 349 3.79 -21.07 22.86
CA GLN B 349 3.35 -19.89 22.13
CA GLN B 349 3.36 -19.89 22.13
C GLN B 349 4.44 -19.47 21.14
N PRO B 350 4.09 -18.82 20.04
CA PRO B 350 5.10 -18.47 19.05
C PRO B 350 5.80 -17.16 19.40
N LEU B 351 6.99 -16.98 18.82
CA LEU B 351 7.58 -15.65 18.75
C LEU B 351 6.87 -14.81 17.72
N ALA B 352 7.20 -15.09 16.46
CA ALA B 352 6.75 -14.35 15.30
C ALA B 352 5.69 -15.13 14.55
N HIS B 353 4.96 -14.42 13.69
CA HIS B 353 4.02 -15.06 12.78
C HIS B 353 3.54 -14.03 11.75
N VAL B 354 3.30 -14.51 10.52
CA VAL B 354 2.77 -13.69 9.46
C VAL B 354 1.65 -14.46 8.78
N HIS B 355 0.76 -13.73 8.11
CA HIS B 355 -0.37 -14.35 7.41
C HIS B 355 -0.69 -13.56 6.14
N LYS B 356 -1.27 -14.23 5.17
CA LYS B 356 -1.61 -13.54 3.93
C LYS B 356 -2.96 -14.06 3.48
N TYR B 357 -3.82 -13.14 3.07
CA TYR B 357 -5.13 -13.47 2.54
C TYR B 357 -5.19 -12.96 1.12
N TRP B 358 -5.39 -13.86 0.18
CA TRP B 358 -5.53 -13.47 -1.21
C TRP B 358 -7.00 -13.51 -1.55
N ALA B 359 -7.60 -12.34 -1.75
CA ALA B 359 -9.00 -12.29 -2.18
C ALA B 359 -9.25 -13.18 -3.39
N HIS B 360 -8.40 -13.10 -4.40
CA HIS B 360 -8.59 -13.81 -5.66
C HIS B 360 -7.34 -14.63 -5.89
N GLY B 361 -7.16 -15.65 -5.06
CA GLY B 361 -5.92 -16.42 -5.10
C GLY B 361 -5.81 -17.26 -6.35
N VAL B 362 -6.86 -18.01 -6.65
CA VAL B 362 -6.89 -18.77 -7.88
C VAL B 362 -8.09 -18.30 -8.68
N GLU B 363 -7.83 -17.95 -9.94
CA GLU B 363 -8.86 -17.60 -10.90
C GLU B 363 -8.84 -18.63 -12.02
N PHE B 364 -10.02 -19.02 -12.50
CA PHE B 364 -10.16 -20.20 -13.33
C PHE B 364 -11.28 -19.98 -14.35
N CYS B 365 -11.13 -20.64 -15.50
CA CYS B 365 -12.13 -20.64 -16.55
C CYS B 365 -13.29 -21.55 -16.18
N ARG B 366 -14.52 -21.03 -16.29
CA ARG B 366 -15.70 -21.76 -15.85
C ARG B 366 -16.32 -22.62 -16.94
N ASP B 367 -15.75 -22.64 -18.15
CA ASP B 367 -16.34 -23.33 -19.30
C ASP B 367 -15.29 -24.21 -19.98
N SER B 368 -15.48 -25.52 -19.86
CA SER B 368 -14.60 -26.50 -20.50
C SER B 368 -15.08 -26.78 -21.93
N ASP B 369 -14.12 -26.81 -22.86
CA ASP B 369 -14.34 -27.11 -24.28
C ASP B 369 -15.09 -26.00 -25.02
N ILE B 370 -14.93 -24.76 -24.56
CA ILE B 370 -15.47 -23.60 -25.25
C ILE B 370 -14.38 -23.04 -26.16
N ASP B 371 -13.28 -23.82 -26.28
CA ASP B 371 -12.14 -23.54 -27.14
C ASP B 371 -11.34 -22.32 -26.66
N HIS B 372 -10.67 -22.45 -25.52
CA HIS B 372 -10.04 -21.31 -24.86
C HIS B 372 -8.56 -21.22 -25.26
N PRO B 373 -8.14 -20.16 -25.94
CA PRO B 373 -6.72 -20.02 -26.30
C PRO B 373 -5.94 -19.43 -25.14
N SER B 374 -4.61 -19.44 -25.29
CA SER B 374 -3.74 -19.09 -24.18
C SER B 374 -3.86 -17.61 -23.79
N ALA B 375 -3.89 -16.72 -24.77
CA ALA B 375 -4.14 -15.30 -24.54
C ALA B 375 -5.37 -14.88 -25.32
N LEU B 376 -6.03 -13.82 -24.86
CA LEU B 376 -7.22 -13.28 -25.49
C LEU B 376 -6.89 -12.01 -26.24
N SER B 377 -7.82 -11.60 -27.10
CA SER B 377 -7.74 -10.34 -27.85
C SER B 377 -9.10 -9.67 -27.80
N HIS B 378 -9.10 -8.35 -27.61
CA HIS B 378 -10.33 -7.60 -27.78
C HIS B 378 -10.70 -7.57 -29.26
N ARG B 379 -11.89 -8.07 -29.59
CA ARG B 379 -12.27 -8.19 -30.99
C ARG B 379 -12.27 -6.81 -31.67
N ASP B 380 -12.94 -5.84 -31.06
CA ASP B 380 -12.93 -4.48 -31.58
C ASP B 380 -11.51 -3.89 -31.50
N SER B 381 -11.07 -3.54 -30.29
CA SER B 381 -9.95 -2.62 -30.08
C SER B 381 -8.56 -3.26 -30.20
N GLY B 382 -8.46 -4.58 -30.24
CA GLY B 382 -7.17 -5.22 -30.50
C GLY B 382 -6.19 -5.19 -29.34
N ILE B 383 -6.68 -5.19 -28.09
CA ILE B 383 -5.83 -5.27 -26.91
C ILE B 383 -5.61 -6.73 -26.59
N ILE B 384 -4.45 -7.06 -26.04
CA ILE B 384 -4.12 -8.44 -25.70
C ILE B 384 -4.20 -8.63 -24.19
N ALA B 385 -4.95 -9.65 -23.77
CA ALA B 385 -5.07 -10.05 -22.37
C ALA B 385 -4.24 -11.29 -22.12
N CYS B 386 -3.68 -11.37 -20.93
CA CYS B 386 -2.66 -12.38 -20.67
C CYS B 386 -2.67 -12.71 -19.18
N SER B 387 -2.96 -13.96 -18.86
CA SER B 387 -3.17 -14.39 -17.49
C SER B 387 -3.18 -15.91 -17.48
N ASP B 388 -2.80 -16.49 -16.34
CA ASP B 388 -2.81 -17.95 -16.19
C ASP B 388 -4.21 -18.54 -16.28
N ALA B 389 -5.24 -17.77 -15.97
CA ALA B 389 -6.59 -18.32 -16.02
C ALA B 389 -7.01 -18.68 -17.44
N TYR B 390 -6.43 -18.02 -18.44
CA TYR B 390 -6.79 -18.26 -19.83
C TYR B 390 -6.19 -19.54 -20.39
N THR B 391 -5.77 -20.48 -19.56
CA THR B 391 -4.99 -21.61 -20.03
C THR B 391 -5.46 -22.90 -19.38
N GLU B 392 -4.88 -24.01 -19.85
CA GLU B 392 -5.11 -25.32 -19.26
C GLU B 392 -4.62 -25.40 -17.82
N HIS B 393 -3.68 -24.53 -17.44
CA HIS B 393 -3.12 -24.51 -16.09
C HIS B 393 -3.63 -23.32 -15.28
N CYS B 394 -4.93 -23.03 -15.37
CA CYS B 394 -5.51 -22.01 -14.52
C CYS B 394 -5.11 -22.29 -13.08
N GLY B 395 -4.54 -21.27 -12.43
CA GLY B 395 -4.11 -21.38 -11.06
C GLY B 395 -2.69 -21.86 -10.87
N TRP B 396 -1.89 -21.85 -11.93
CA TRP B 396 -0.50 -22.26 -11.83
C TRP B 396 0.40 -21.24 -12.54
N MET B 397 1.61 -21.09 -11.99
CA MET B 397 2.62 -20.27 -12.66
C MET B 397 2.86 -20.69 -14.09
N GLU B 398 2.93 -22.00 -14.37
CA GLU B 398 3.05 -22.50 -15.73
C GLU B 398 2.01 -21.87 -16.64
N GLY B 399 0.76 -21.76 -16.19
CA GLY B 399 -0.25 -21.08 -17.00
C GLY B 399 0.08 -19.63 -17.30
N GLY B 400 0.85 -18.98 -16.42
CA GLY B 400 1.31 -17.65 -16.74
C GLY B 400 2.37 -17.69 -17.82
N LEU B 401 3.34 -18.61 -17.68
CA LEU B 401 4.39 -18.72 -18.68
C LEU B 401 3.86 -19.05 -20.06
N LEU B 402 2.71 -19.74 -20.15
CA LEU B 402 2.19 -20.10 -21.46
C LEU B 402 1.28 -19.06 -22.06
N SER B 403 0.44 -18.43 -21.25
CA SER B 403 -0.34 -17.30 -21.75
C SER B 403 0.58 -16.21 -22.27
N ALA B 404 1.69 -15.98 -21.58
CA ALA B 404 2.60 -14.93 -21.98
C ALA B 404 3.23 -15.21 -23.34
N ARG B 405 3.59 -16.48 -23.60
CA ARG B 405 4.20 -16.79 -24.89
C ARG B 405 3.24 -16.58 -26.04
N GLU B 406 1.99 -17.04 -25.90
CA GLU B 406 0.98 -16.72 -26.88
C GLU B 406 0.78 -15.21 -26.97
N ALA B 407 0.56 -14.57 -25.81
CA ALA B 407 0.32 -13.12 -25.78
C ALA B 407 1.44 -12.36 -26.47
N SER B 408 2.68 -12.78 -26.31
CA SER B 408 3.73 -12.10 -27.06
C SER B 408 3.74 -12.50 -28.53
N ARG B 409 3.16 -13.64 -28.89
CA ARG B 409 2.97 -13.95 -30.31
C ARG B 409 1.98 -12.98 -30.93
N LEU B 410 0.74 -12.97 -30.45
CA LEU B 410 -0.28 -12.14 -31.10
C LEU B 410 0.10 -10.67 -31.13
N LEU B 411 1.00 -10.24 -30.24
CA LEU B 411 1.50 -8.89 -30.34
C LEU B 411 2.32 -8.72 -31.60
N LEU B 412 3.42 -9.48 -31.71
CA LEU B 412 4.31 -9.38 -32.85
C LEU B 412 3.57 -9.49 -34.18
N GLN B 413 2.52 -10.31 -34.23
CA GLN B 413 1.68 -10.36 -35.43
C GLN B 413 1.07 -8.99 -35.73
N ARG B 414 0.58 -8.31 -34.70
CA ARG B 414 0.02 -6.97 -34.88
C ARG B 414 1.07 -5.96 -35.32
N ILE B 415 2.35 -6.20 -35.03
CA ILE B 415 3.41 -5.30 -35.52
C ILE B 415 3.75 -5.61 -36.97
N ALA B 416 4.19 -6.83 -37.25
CA ALA B 416 4.62 -7.15 -38.61
C ALA B 416 3.47 -7.17 -39.62
N ALA B 417 2.25 -6.84 -39.21
CA ALA B 417 1.07 -6.84 -40.08
C ALA B 417 0.01 -5.83 -39.60
#